data_9QV9
#
_entry.id   9QV9
#
_cell.length_a   1.00
_cell.length_b   1.00
_cell.length_c   1.00
_cell.angle_alpha   90.00
_cell.angle_beta   90.00
_cell.angle_gamma   90.00
#
_symmetry.space_group_name_H-M   'P 1'
#
loop_
_entity.id
_entity.type
_entity.pdbx_description
1 polymer 'Plastid replication-repair enzyme'
2 polymer 'DNA primer strand'
3 polymer 'DNA template strand'
4 non-polymer "2'-DEOXYGUANOSINE-5'-TRIPHOSPHATE"
5 non-polymer 'CALCIUM ION'
#
loop_
_entity_poly.entity_id
_entity_poly.type
_entity_poly.pdbx_seq_one_letter_code
_entity_poly.pdbx_strand_id
1 'polypeptide(L)'
;MGSSHHHHHHSQDPENLYFQGDEITKKYIKDNIINVDDNIIKKKDIFKLKNENNEITECAFEYFESKKKFDDDIESRFFI
INDNNYNENINLIYKDIKYCGLNIQTTGLEVFDENIRLIQIAVENYPVIIYDMFNINKKDILDGLRKVLENKNIIKIIQN
GKFDAKFLLHNNFKIENIFDTYIASKLLDKNKNMYGFKLNNIVEKYLNVILDKQQQNSVWNNSLLNNNQLFYAARDSSCL
LKLYKKLKEEIKKENLHIVNDIENKCILPICDMELNGIKVDLENLQKSTNEILNELNIEKDNLKKKLKDENINVNSQQQV
LKALQKNNVRDISNKLIENTSDSNLKNFLNHEEIISLRNYRRLYKLYSAFYLKLPLHINTKTNKIHTTFNQLKTFSGRFS
SEKPNLQQIPRQKNIREIFIPNDNNIFIIADFKQIELKIAAEITNDEIMLKAYNNNIDLHTLTASIITKKNIPDINKEDR
HIAKAINFGLIYGMNYVNLKNYANTYYGLNMSLDQCLYFYNSFFEHYKGIYKWHNQVKQKRALQYSTLSNRKVIFPYFSF
TKALNYPVQGTCADILKLALVDLYDNLKDINGKIILCVHDEIIIEVNKKFQEEALKILVQSMENSASYFLKKVKCEVSVK
IAENWGSKD
;
A
2 'polydeoxyribonucleotide'
;(DC)(DA)(DG)(DG)(DT)(DG)(DT)(DC)(DA)(DG)(DT)(DC)(DA)(DG)(DC)(DT)(DA)(DG)(DT)(DG)
(DC)(DT)(DG)(DA)(DC)
;
B
3 'polydeoxyribonucleotide'
;(DG)(DC)(DT)(DA)(DC)(DC)(DG)(DT)(DA)(DG)(DC)(DG)(DT)(DC)(DA)(DG)(DC)(DA)(DC)(DT)
(DA)(DG)(DC)(DT)(DG)(DA)(DC)(DT)(DG)(DA)(DC)(DA)(DC)(DC)(DT)(DG)
;
C
#
loop_
_chem_comp.id
_chem_comp.type
_chem_comp.name
_chem_comp.formula
CA non-polymer 'CALCIUM ION' 'Ca 2'
DA DNA linking 2'-DEOXYADENOSINE-5'-MONOPHOSPHATE 'C10 H14 N5 O6 P'
DC DNA linking 2'-DEOXYCYTIDINE-5'-MONOPHOSPHATE 'C9 H14 N3 O7 P'
DG DNA linking 2'-DEOXYGUANOSINE-5'-MONOPHOSPHATE 'C10 H14 N5 O7 P'
DGT non-polymer 2'-DEOXYGUANOSINE-5'-TRIPHOSPHATE 'C10 H16 N5 O13 P3'
DT DNA linking THYMIDINE-5'-MONOPHOSPHATE 'C10 H15 N2 O8 P'
#
# COMPACT_ATOMS: atom_id res chain seq x y z
N ASP A 22 21.71 44.78 11.88
CA ASP A 22 22.60 44.07 12.84
C ASP A 22 23.59 43.18 12.11
N GLU A 23 24.87 43.32 12.45
CA GLU A 23 25.89 42.45 11.87
C GLU A 23 25.84 41.05 12.47
N ILE A 24 25.34 40.92 13.70
CA ILE A 24 25.31 39.61 14.34
C ILE A 24 24.38 38.67 13.60
N THR A 25 23.19 39.16 13.22
CA THR A 25 22.25 38.32 12.49
C THR A 25 22.65 38.13 11.03
N LYS A 26 23.60 38.91 10.51
CA LYS A 26 24.06 38.82 9.14
C LYS A 26 25.43 38.14 9.07
N LYS A 27 25.66 37.16 9.94
CA LYS A 27 26.99 36.55 10.03
C LYS A 27 27.30 35.71 8.80
N TYR A 28 26.35 34.86 8.38
CA TYR A 28 26.58 33.86 7.34
C TYR A 28 25.48 33.96 6.28
N ILE A 29 25.22 35.17 5.81
CA ILE A 29 24.21 35.36 4.76
C ILE A 29 24.70 34.79 3.44
N LYS A 30 26.00 34.96 3.14
CA LYS A 30 26.51 34.59 1.82
C LYS A 30 26.25 33.14 1.47
N ASP A 31 26.19 32.27 2.47
CA ASP A 31 25.89 30.86 2.27
C ASP A 31 24.40 30.57 2.30
N ASN A 32 23.56 31.61 2.27
CA ASN A 32 22.12 31.49 2.41
C ASN A 32 21.80 30.84 3.77
N ILE A 33 22.20 31.58 4.80
CA ILE A 33 21.91 31.21 6.19
C ILE A 33 21.65 32.50 6.96
N ILE A 34 20.61 32.50 7.77
CA ILE A 34 20.31 33.65 8.64
C ILE A 34 20.69 33.29 10.07
N ASN A 35 21.55 34.12 10.67
CA ASN A 35 22.08 33.86 12.00
C ASN A 35 21.08 34.35 13.05
N VAL A 36 19.96 33.63 13.12
CA VAL A 36 18.93 33.98 14.09
C VAL A 36 19.47 33.84 15.51
N ASP A 37 20.21 32.76 15.77
CA ASP A 37 20.79 32.47 17.08
C ASP A 37 22.30 32.50 16.96
N ASP A 38 22.95 33.32 17.79
CA ASP A 38 24.41 33.40 17.82
C ASP A 38 24.95 32.20 18.60
N ASN A 39 24.82 31.02 17.97
CA ASN A 39 25.16 29.75 18.58
C ASN A 39 25.89 28.87 17.57
N ILE A 40 26.72 29.48 16.73
CA ILE A 40 27.36 28.80 15.60
C ILE A 40 28.80 29.28 15.48
N ILE A 41 29.55 28.59 14.64
CA ILE A 41 30.95 28.93 14.37
C ILE A 41 31.34 28.28 13.05
N LYS A 42 32.10 29.00 12.25
CA LYS A 42 32.57 28.49 10.97
C LYS A 42 33.86 27.69 11.16
N LYS A 44 36.30 25.18 8.46
CA LYS A 44 37.18 24.58 7.47
C LYS A 44 38.28 23.77 8.16
N ASP A 45 38.45 22.53 7.74
CA ASP A 45 39.46 21.64 8.29
C ASP A 45 40.06 20.80 7.17
N ILE A 46 41.28 20.34 7.39
CA ILE A 46 41.96 19.47 6.43
C ILE A 46 41.33 18.08 6.52
N PHE A 47 41.07 17.48 5.36
CA PHE A 47 40.52 16.14 5.26
C PHE A 47 41.44 15.29 4.40
N LYS A 48 41.64 14.04 4.82
CA LYS A 48 42.49 13.10 4.10
C LYS A 48 41.64 12.25 3.17
N LEU A 49 41.17 12.89 2.10
CA LEU A 49 40.37 12.22 1.10
C LEU A 49 41.25 11.37 0.19
N LYS A 50 40.62 10.52 -0.61
CA LYS A 50 41.30 9.64 -1.54
C LYS A 50 41.15 10.20 -2.96
N ASN A 51 42.26 10.28 -3.68
CA ASN A 51 42.24 10.77 -5.04
C ASN A 51 41.88 9.64 -6.01
N GLU A 52 41.46 10.04 -7.21
CA GLU A 52 41.04 9.06 -8.21
C GLU A 52 42.14 8.05 -8.52
N ASN A 53 43.40 8.45 -8.36
CA ASN A 53 44.53 7.54 -8.45
C ASN A 53 44.82 6.85 -7.12
N ASN A 54 43.86 6.83 -6.20
CA ASN A 54 44.02 6.21 -4.90
C ASN A 54 45.14 6.88 -4.11
N GLU A 55 45.20 8.21 -4.19
CA GLU A 55 46.21 9.01 -3.52
C GLU A 55 45.55 9.86 -2.43
N ILE A 56 46.14 9.86 -1.24
CA ILE A 56 45.57 10.61 -0.12
C ILE A 56 45.70 12.10 -0.41
N THR A 57 44.61 12.83 -0.23
CA THR A 57 44.61 14.28 -0.42
C THR A 57 43.71 14.97 0.61
N TYR A 63 32.89 22.91 6.98
CA TYR A 63 31.89 22.37 7.88
C TYR A 63 31.54 23.39 8.96
N PHE A 64 30.25 23.57 9.19
CA PHE A 64 29.74 24.52 10.16
C PHE A 64 29.31 23.78 11.41
N GLU A 65 29.55 24.41 12.57
CA GLU A 65 29.34 23.78 13.86
C GLU A 65 28.56 24.70 14.78
N SER A 66 27.88 24.10 15.74
CA SER A 66 27.11 24.83 16.74
C SER A 66 27.95 25.05 18.00
N LYS A 67 27.89 26.26 18.54
CA LYS A 67 28.64 26.55 19.76
C LYS A 67 28.16 25.69 20.92
N LYS A 68 26.85 25.52 21.06
CA LYS A 68 26.30 24.70 22.13
C LYS A 68 26.33 23.23 21.71
N LYS A 69 27.10 22.43 22.43
CA LYS A 69 27.20 21.01 22.15
C LYS A 69 25.99 20.28 22.71
N PHE A 70 25.80 19.04 22.23
CA PHE A 70 24.71 18.18 22.65
C PHE A 70 25.28 16.97 23.36
N ASP A 71 24.54 16.46 24.34
CA ASP A 71 24.99 15.27 25.07
C ASP A 71 25.03 14.03 24.19
N ASP A 72 24.31 14.04 23.07
CA ASP A 72 24.24 12.87 22.21
C ASP A 72 25.50 12.74 21.37
N ASP A 73 25.78 11.51 20.97
CA ASP A 73 26.93 11.19 20.13
C ASP A 73 26.60 11.23 18.64
N ILE A 74 25.37 11.60 18.27
CA ILE A 74 25.00 11.69 16.87
C ILE A 74 25.78 12.83 16.21
N GLU A 75 26.05 12.69 14.92
CA GLU A 75 26.76 13.72 14.19
C GLU A 75 25.93 15.00 14.15
N SER A 76 26.64 16.13 14.19
CA SER A 76 26.00 17.44 14.10
C SER A 76 26.63 18.28 13.02
N ARG A 77 27.91 18.05 12.72
CA ARG A 77 28.59 18.85 11.72
C ARG A 77 27.97 18.61 10.35
N PHE A 78 28.10 19.60 9.48
CA PHE A 78 27.56 19.48 8.13
C PHE A 78 28.19 20.52 7.23
N PHE A 79 28.19 20.23 5.94
CA PHE A 79 28.56 21.19 4.90
C PHE A 79 27.28 21.72 4.24
N ILE A 80 27.44 22.85 3.55
CA ILE A 80 26.40 23.40 2.69
C ILE A 80 26.98 23.59 1.30
N ILE A 81 26.31 23.02 0.31
CA ILE A 81 26.74 23.09 -1.09
C ILE A 81 25.83 24.10 -1.79
N ASN A 82 26.40 25.20 -2.24
CA ASN A 82 25.69 26.27 -2.92
C ASN A 82 26.25 26.43 -4.32
N ASP A 83 25.60 27.31 -5.10
CA ASP A 83 26.09 27.57 -6.46
C ASP A 83 27.50 28.12 -6.43
N ASN A 84 27.77 29.05 -5.53
CA ASN A 84 29.09 29.63 -5.35
C ASN A 84 29.89 28.96 -4.23
N ASN A 85 29.33 27.93 -3.59
CA ASN A 85 29.98 27.21 -2.51
C ASN A 85 30.11 25.73 -2.85
N TYR A 86 30.57 25.46 -4.06
CA TYR A 86 30.81 24.11 -4.55
C TYR A 86 32.29 23.89 -4.78
N ASN A 87 32.77 22.68 -4.50
CA ASN A 87 34.11 22.28 -4.90
C ASN A 87 34.03 20.88 -5.49
N GLU A 88 34.75 20.68 -6.60
CA GLU A 88 34.59 19.46 -7.39
C GLU A 88 34.99 18.23 -6.58
N ASN A 89 36.06 18.32 -5.79
CA ASN A 89 36.58 17.17 -5.07
C ASN A 89 35.67 16.71 -3.95
N ILE A 90 34.52 17.36 -3.72
CA ILE A 90 33.57 16.88 -2.73
C ILE A 90 33.11 15.47 -3.08
N ASN A 91 33.10 15.14 -4.36
CA ASN A 91 32.56 13.84 -4.79
C ASN A 91 33.37 12.68 -4.23
N LEU A 92 34.62 12.92 -3.87
CA LEU A 92 35.45 11.83 -3.35
C LEU A 92 34.91 11.30 -2.03
N ILE A 93 34.10 12.08 -1.32
CA ILE A 93 33.56 11.65 -0.03
C ILE A 93 32.64 10.45 -0.20
N TYR A 94 31.89 10.39 -1.30
CA TYR A 94 30.99 9.28 -1.56
C TYR A 94 31.70 8.13 -2.27
N LYS A 95 32.90 8.37 -2.78
CA LYS A 95 33.59 7.38 -3.62
C LYS A 95 33.95 6.15 -2.80
N ASP A 96 33.72 4.97 -3.38
CA ASP A 96 34.04 3.70 -2.76
C ASP A 96 33.36 3.58 -1.38
N ILE A 97 32.03 3.68 -1.40
CA ILE A 97 31.24 3.66 -0.18
C ILE A 97 30.30 2.47 -0.26
N LYS A 98 29.74 2.09 0.88
CA LYS A 98 28.80 0.98 0.96
C LYS A 98 27.40 1.42 1.32
N TYR A 99 27.23 2.14 2.43
CA TYR A 99 25.94 2.60 2.91
C TYR A 99 26.00 4.09 3.17
N CYS A 100 24.83 4.72 3.13
CA CYS A 100 24.76 6.16 3.38
C CYS A 100 23.34 6.53 3.73
N GLY A 101 23.22 7.51 4.62
CA GLY A 101 21.92 8.05 4.98
C GLY A 101 21.48 9.14 4.02
N LEU A 102 20.16 9.23 3.82
CA LEU A 102 19.58 10.20 2.92
C LEU A 102 18.25 10.67 3.48
N ASN A 103 18.00 11.97 3.43
CA ASN A 103 16.71 12.53 3.78
C ASN A 103 16.42 13.72 2.88
N ILE A 104 15.14 13.93 2.60
CA ILE A 104 14.67 14.99 1.71
C ILE A 104 13.52 15.71 2.39
N GLN A 105 13.68 17.01 2.58
CA GLN A 105 12.68 17.86 3.23
C GLN A 105 12.07 18.74 2.16
N THR A 106 10.75 18.84 2.15
CA THR A 106 10.00 19.45 1.06
C THR A 106 9.20 20.64 1.56
N THR A 107 8.81 21.49 0.61
CA THR A 107 8.07 22.70 0.97
C THR A 107 6.71 22.36 1.58
N GLY A 108 6.03 21.35 1.02
CA GLY A 108 4.70 20.98 1.46
C GLY A 108 4.49 19.50 1.39
N LEU A 109 3.23 19.09 1.21
CA LEU A 109 2.85 17.69 1.13
C LEU A 109 2.23 17.30 -0.20
N GLU A 110 1.91 18.24 -1.07
CA GLU A 110 1.36 17.94 -2.39
C GLU A 110 2.52 17.90 -3.38
N VAL A 111 2.93 16.68 -3.76
CA VAL A 111 4.09 16.53 -4.63
C VAL A 111 3.85 17.19 -5.98
N PHE A 112 2.62 17.13 -6.48
CA PHE A 112 2.33 17.68 -7.80
C PHE A 112 2.43 19.20 -7.84
N ASP A 113 2.36 19.87 -6.68
CA ASP A 113 2.48 21.31 -6.62
C ASP A 113 3.41 21.72 -5.49
N GLU A 114 4.48 20.96 -5.29
CA GLU A 114 5.54 21.34 -4.37
C GLU A 114 6.88 20.93 -4.96
N ASN A 115 7.93 21.64 -4.54
CA ASN A 115 9.29 21.41 -5.00
C ASN A 115 10.16 21.00 -3.83
N ILE A 116 11.12 20.12 -4.09
CA ILE A 116 12.02 19.65 -3.04
C ILE A 116 12.83 20.82 -2.51
N ARG A 117 12.95 20.89 -1.18
CA ARG A 117 13.71 21.98 -0.58
C ARG A 117 15.16 21.57 -0.30
N LEU A 118 15.39 20.45 0.37
CA LEU A 118 16.73 20.07 0.78
C LEU A 118 16.98 18.59 0.50
N ILE A 119 18.25 18.27 0.23
CA ILE A 119 18.75 16.91 0.16
C ILE A 119 19.86 16.77 1.19
N GLN A 120 19.82 15.68 1.95
CA GLN A 120 20.81 15.41 2.98
C GLN A 120 21.52 14.10 2.65
N ILE A 121 22.83 14.07 2.81
CA ILE A 121 23.64 12.87 2.67
C ILE A 121 24.56 12.78 3.87
N ALA A 122 24.52 11.63 4.57
CA ALA A 122 25.30 11.40 5.79
C ALA A 122 26.14 10.14 5.61
N VAL A 123 27.43 10.31 5.33
CA VAL A 123 28.36 9.20 5.28
C VAL A 123 28.86 8.91 6.70
N GLU A 124 29.14 7.64 6.98
CA GLU A 124 29.68 7.28 8.28
C GLU A 124 30.99 8.01 8.52
N ASN A 125 31.15 8.53 9.75
CA ASN A 125 32.35 9.25 10.15
C ASN A 125 32.61 10.46 9.26
N TYR A 126 31.55 11.08 8.77
CA TYR A 126 31.65 12.28 7.94
C TYR A 126 30.50 13.21 8.28
N PRO A 127 30.67 14.51 8.06
CA PRO A 127 29.54 15.43 8.26
C PRO A 127 28.46 15.19 7.22
N VAL A 128 27.23 15.55 7.59
CA VAL A 128 26.13 15.47 6.64
C VAL A 128 26.32 16.54 5.57
N ILE A 129 25.89 16.22 4.35
CA ILE A 129 26.08 17.10 3.19
C ILE A 129 24.72 17.57 2.71
N ILE A 130 24.59 18.89 2.51
CA ILE A 130 23.32 19.53 2.21
C ILE A 130 23.42 20.22 0.85
N TYR A 131 22.45 19.93 -0.03
CA TYR A 131 22.27 20.63 -1.30
C TYR A 131 21.03 21.51 -1.17
N ASP A 132 21.22 22.81 -1.26
CA ASP A 132 20.10 23.76 -1.18
C ASP A 132 19.53 23.93 -2.58
N MET A 133 18.41 23.25 -2.85
CA MET A 133 17.92 23.17 -4.22
C MET A 133 17.43 24.52 -4.75
N PHE A 134 16.85 25.35 -3.89
CA PHE A 134 16.50 26.69 -4.34
C PHE A 134 17.73 27.51 -4.69
N ASN A 135 18.81 27.39 -3.92
CA ASN A 135 20.01 28.18 -4.10
C ASN A 135 21.04 27.49 -5.00
N ILE A 136 20.58 26.64 -5.92
CA ILE A 136 21.45 25.93 -6.85
C ILE A 136 20.89 26.10 -8.25
N ASN A 137 21.74 26.53 -9.18
CA ASN A 137 21.36 26.75 -10.56
C ASN A 137 22.21 25.99 -11.56
N LYS A 138 23.42 25.57 -11.19
CA LYS A 138 24.28 24.78 -12.06
C LYS A 138 24.05 23.30 -11.80
N LYS A 139 24.52 22.48 -12.73
CA LYS A 139 24.31 21.04 -12.69
C LYS A 139 25.55 20.24 -12.31
N ASP A 140 26.73 20.86 -12.29
CA ASP A 140 27.92 20.16 -11.82
C ASP A 140 27.79 19.75 -10.36
N ILE A 141 27.04 20.53 -9.58
CA ILE A 141 26.88 20.25 -8.15
C ILE A 141 26.14 18.95 -7.94
N LEU A 142 25.18 18.65 -8.81
CA LEU A 142 24.21 17.60 -8.55
C LEU A 142 24.66 16.25 -9.11
N ASP A 143 25.40 16.25 -10.22
CA ASP A 143 25.72 15.00 -10.94
C ASP A 143 26.32 13.95 -10.01
N GLY A 144 27.15 14.36 -9.06
CA GLY A 144 27.75 13.40 -8.15
C GLY A 144 26.71 12.71 -7.29
N LEU A 145 25.79 13.48 -6.73
CA LEU A 145 24.69 12.87 -5.98
C LEU A 145 23.86 11.98 -6.88
N ARG A 146 23.64 12.40 -8.12
CA ARG A 146 22.94 11.52 -9.06
C ARG A 146 23.62 10.17 -9.15
N LYS A 147 24.92 10.18 -9.40
CA LYS A 147 25.65 8.92 -9.57
C LYS A 147 25.64 8.10 -8.30
N VAL A 148 25.69 8.75 -7.14
CA VAL A 148 25.66 8.02 -5.87
C VAL A 148 24.32 7.37 -5.64
N LEU A 149 23.23 8.05 -6.03
CA LEU A 149 21.91 7.46 -5.93
C LEU A 149 21.76 6.30 -6.90
N GLU A 150 22.31 6.44 -8.12
CA GLU A 150 22.07 5.46 -9.18
C GLU A 150 22.57 4.08 -8.78
N ASN A 151 23.78 4.01 -8.23
CA ASN A 151 24.48 2.74 -8.11
C ASN A 151 23.67 1.75 -7.28
N LYS A 152 23.54 0.54 -7.81
CA LYS A 152 22.80 -0.52 -7.14
C LYS A 152 23.49 -0.99 -5.86
N ASN A 153 24.81 -0.87 -5.78
CA ASN A 153 25.58 -1.40 -4.67
C ASN A 153 25.60 -0.47 -3.46
N ILE A 154 25.09 0.75 -3.57
CA ILE A 154 25.02 1.68 -2.46
C ILE A 154 23.64 1.58 -1.84
N ILE A 155 23.60 1.18 -0.57
CA ILE A 155 22.35 1.04 0.17
C ILE A 155 22.02 2.37 0.82
N LYS A 156 20.78 2.81 0.67
CA LYS A 156 20.32 4.11 1.12
C LYS A 156 19.44 3.93 2.35
N ILE A 157 19.67 4.76 3.36
CA ILE A 157 18.86 4.78 4.56
C ILE A 157 17.97 6.02 4.50
N ILE A 158 16.66 5.83 4.38
CA ILE A 158 15.70 6.92 4.41
C ILE A 158 14.55 6.52 5.32
N GLN A 159 14.27 7.33 6.34
CA GLN A 159 13.03 7.20 7.08
C GLN A 159 11.88 7.57 6.15
N ASN A 160 10.79 6.81 6.22
CA ASN A 160 9.57 6.98 5.40
C ASN A 160 9.93 7.22 3.93
N GLY A 161 10.52 6.19 3.34
CA GLY A 161 11.05 6.27 1.99
C GLY A 161 10.04 6.58 0.91
N LYS A 162 8.77 6.28 1.16
CA LYS A 162 7.75 6.46 0.12
C LYS A 162 7.65 7.93 -0.29
N PHE A 163 7.56 8.83 0.69
CA PHE A 163 7.41 10.25 0.41
C PHE A 163 8.60 10.78 -0.40
N ASP A 164 9.80 10.50 0.09
CA ASP A 164 10.99 11.06 -0.54
C ASP A 164 11.19 10.48 -1.93
N ALA A 165 10.92 9.18 -2.09
CA ALA A 165 11.05 8.57 -3.41
C ALA A 165 10.03 9.13 -4.39
N LYS A 166 8.81 9.39 -3.92
CA LYS A 166 7.83 10.07 -4.77
C LYS A 166 8.37 11.38 -5.29
N PHE A 167 8.86 12.23 -4.37
CA PHE A 167 9.39 13.53 -4.80
C PHE A 167 10.55 13.36 -5.77
N LEU A 168 11.45 12.42 -5.47
CA LEU A 168 12.64 12.25 -6.29
C LEU A 168 12.29 11.80 -7.70
N LEU A 169 11.47 10.76 -7.83
CA LEU A 169 11.07 10.34 -9.17
C LEU A 169 10.32 11.43 -9.90
N HIS A 170 9.56 12.26 -9.17
CA HIS A 170 8.89 13.37 -9.85
C HIS A 170 9.91 14.37 -10.41
N ASN A 171 10.96 14.66 -9.65
CA ASN A 171 11.88 15.75 -10.01
C ASN A 171 13.07 15.26 -10.83
N ASN A 172 12.87 14.23 -11.65
CA ASN A 172 13.91 13.70 -12.54
C ASN A 172 15.10 13.19 -11.71
N PHE A 173 14.81 12.20 -10.88
CA PHE A 173 15.82 11.44 -10.16
C PHE A 173 15.47 9.96 -10.28
N LYS A 174 16.49 9.11 -10.18
CA LYS A 174 16.32 7.68 -10.36
C LYS A 174 17.10 6.97 -9.27
N ILE A 175 16.39 6.34 -8.35
CA ILE A 175 16.97 5.53 -7.29
C ILE A 175 16.77 4.06 -7.64
N GLU A 176 17.66 3.21 -7.13
CA GLU A 176 17.55 1.77 -7.29
C GLU A 176 17.60 0.99 -5.99
N ASN A 177 18.20 1.55 -4.93
CA ASN A 177 18.38 0.86 -3.66
C ASN A 177 17.91 1.72 -2.50
N ILE A 178 17.23 1.07 -1.55
CA ILE A 178 16.67 1.74 -0.38
C ILE A 178 16.77 0.77 0.78
N PHE A 179 16.96 1.30 2.00
CA PHE A 179 16.75 0.55 3.23
C PHE A 179 16.06 1.48 4.21
N ASP A 180 14.73 1.46 4.20
CA ASP A 180 13.96 2.41 5.01
C ASP A 180 13.78 1.85 6.42
N THR A 181 14.14 2.65 7.42
CA THR A 181 14.16 2.17 8.80
C THR A 181 12.76 2.06 9.40
N TYR A 182 11.77 2.76 8.86
CA TYR A 182 10.40 2.54 9.28
C TYR A 182 9.96 1.12 9.00
N ILE A 183 10.32 0.60 7.81
CA ILE A 183 9.94 -0.76 7.44
C ILE A 183 10.56 -1.74 8.41
N ALA A 184 11.86 -1.62 8.67
CA ALA A 184 12.54 -2.55 9.56
C ALA A 184 11.98 -2.44 10.97
N SER A 185 11.69 -1.23 11.43
CA SER A 185 11.14 -1.07 12.78
C SER A 185 9.79 -1.75 12.89
N LYS A 186 8.90 -1.50 11.94
CA LYS A 186 7.56 -2.08 12.04
C LYS A 186 7.61 -3.60 11.96
N LEU A 187 8.46 -4.13 11.07
CA LEU A 187 8.57 -5.58 10.96
C LEU A 187 9.13 -6.20 12.23
N LEU A 188 10.13 -5.55 12.83
CA LEU A 188 10.71 -6.06 14.06
C LEU A 188 9.77 -5.86 15.23
N ASP A 189 8.97 -4.79 15.18
CA ASP A 189 8.00 -4.54 16.25
C ASP A 189 6.95 -5.64 16.36
N LYS A 190 6.81 -6.48 15.34
CA LYS A 190 5.88 -7.60 15.37
C LYS A 190 4.45 -7.12 15.56
N ASN A 191 4.15 -5.90 15.13
CA ASN A 191 2.78 -5.39 15.03
C ASN A 191 2.11 -5.48 16.40
N LYS A 192 2.72 -4.85 17.39
CA LYS A 192 2.17 -4.85 18.75
C LYS A 192 1.44 -3.55 19.04
N ASN A 193 2.05 -2.43 18.70
CA ASN A 193 1.44 -1.11 18.80
C ASN A 193 1.33 -0.50 17.42
N MET A 194 0.14 -0.01 17.06
CA MET A 194 -0.11 0.65 15.78
C MET A 194 -0.24 2.14 16.04
N TYR A 195 0.90 2.82 16.13
CA TYR A 195 0.91 4.27 16.24
C TYR A 195 2.34 4.78 16.20
N GLY A 196 2.54 5.96 15.60
CA GLY A 196 3.83 6.59 15.61
C GLY A 196 4.85 5.91 14.71
N PHE A 197 5.82 5.23 15.32
CA PHE A 197 7.00 4.74 14.61
C PHE A 197 7.68 5.87 13.87
N LYS A 198 7.65 7.06 14.45
CA LYS A 198 8.37 8.17 13.87
C LYS A 198 9.85 8.00 14.14
N LEU A 199 10.66 8.95 13.67
CA LEU A 199 12.09 8.88 13.93
C LEU A 199 12.37 9.02 15.42
N ASN A 200 11.65 9.90 16.10
CA ASN A 200 11.90 10.11 17.53
C ASN A 200 11.56 8.87 18.34
N ASN A 201 10.42 8.24 18.05
CA ASN A 201 10.04 7.05 18.81
C ASN A 201 11.03 5.92 18.60
N ILE A 202 11.44 5.68 17.36
CA ILE A 202 12.38 4.59 17.07
C ILE A 202 13.72 4.88 17.73
N VAL A 203 14.19 6.13 17.64
CA VAL A 203 15.48 6.47 18.21
C VAL A 203 15.45 6.32 19.73
N GLU A 204 14.35 6.71 20.37
CA GLU A 204 14.23 6.47 21.81
C GLU A 204 14.21 4.98 22.10
N LYS A 205 13.48 4.20 21.29
CA LYS A 205 13.34 2.77 21.54
C LYS A 205 14.69 2.06 21.46
N TYR A 206 15.28 2.02 20.26
CA TYR A 206 16.42 1.15 20.02
C TYR A 206 17.73 1.83 20.46
N LEU A 207 18.04 2.97 19.88
CA LEU A 207 19.21 3.72 20.32
C LEU A 207 18.94 4.36 21.68
N ASN A 208 20.02 4.62 22.42
CA ASN A 208 19.94 5.29 23.72
C ASN A 208 20.12 6.79 23.57
N VAL A 209 19.34 7.40 22.66
CA VAL A 209 19.50 8.81 22.31
C VAL A 209 18.13 9.46 22.26
N ILE A 210 18.11 10.77 22.49
CA ILE A 210 16.88 11.58 22.41
C ILE A 210 17.14 12.68 21.39
N LEU A 211 16.41 12.64 20.28
CA LEU A 211 16.59 13.63 19.22
C LEU A 211 15.95 14.96 19.55
N ASP A 212 14.92 14.99 20.39
CA ASP A 212 14.24 16.22 20.79
C ASP A 212 13.65 16.94 19.57
N LYS A 213 12.69 16.25 18.95
CA LYS A 213 11.98 16.79 17.78
C LYS A 213 11.03 17.89 18.25
N GLN A 214 11.61 19.05 18.56
CA GLN A 214 10.85 20.22 18.96
C GLN A 214 10.55 21.16 17.80
N GLN A 215 11.00 20.84 16.59
CA GLN A 215 10.75 21.68 15.42
C GLN A 215 9.29 21.52 15.01
N GLN A 216 8.48 22.55 15.30
CA GLN A 216 7.04 22.50 15.03
C GLN A 216 6.73 22.95 13.60
N ASN A 217 7.38 22.33 12.62
CA ASN A 217 7.14 22.61 11.21
C ASN A 217 7.36 24.09 10.89
N SER A 218 8.61 24.53 11.06
CA SER A 218 8.97 25.91 10.78
C SER A 218 8.77 26.21 9.29
N VAL A 219 9.00 27.48 8.94
CA VAL A 219 8.78 27.93 7.58
C VAL A 219 9.81 27.26 6.67
N TRP A 220 9.33 26.38 5.78
CA TRP A 220 10.16 25.77 4.77
C TRP A 220 10.02 26.42 3.40
N ASN A 221 8.89 27.08 3.12
CA ASN A 221 8.71 27.73 1.83
C ASN A 221 9.79 28.77 1.59
N ASN A 222 10.09 29.58 2.61
CA ASN A 222 11.11 30.60 2.47
C ASN A 222 12.46 29.96 2.14
N SER A 223 13.16 30.56 1.18
CA SER A 223 14.47 30.04 0.82
C SER A 223 15.46 30.15 1.97
N LEU A 224 15.45 31.26 2.69
CA LEU A 224 16.36 31.44 3.82
C LEU A 224 15.94 30.54 4.97
N LEU A 225 16.93 29.95 5.64
CA LEU A 225 16.71 29.01 6.72
C LEU A 225 17.64 29.32 7.88
N ASN A 226 17.11 29.20 9.10
CA ASN A 226 17.90 29.44 10.31
C ASN A 226 18.82 28.24 10.59
N ASN A 227 19.78 28.47 11.49
CA ASN A 227 20.82 27.49 11.74
C ASN A 227 20.33 26.29 12.55
N ASN A 228 19.50 26.52 13.57
CA ASN A 228 19.03 25.41 14.40
C ASN A 228 18.17 24.45 13.60
N GLN A 229 17.34 24.99 12.71
CA GLN A 229 16.51 24.14 11.87
C GLN A 229 17.37 23.23 11.01
N LEU A 230 18.47 23.76 10.46
CA LEU A 230 19.37 22.93 9.67
C LEU A 230 20.14 21.94 10.55
N PHE A 231 20.46 22.31 11.79
CA PHE A 231 21.09 21.36 12.68
C PHE A 231 20.19 20.16 12.92
N TYR A 232 18.90 20.41 13.15
CA TYR A 232 17.97 19.29 13.27
C TYR A 232 17.86 18.52 11.96
N ALA A 233 17.86 19.24 10.84
CA ALA A 233 17.73 18.60 9.54
C ALA A 233 18.88 17.64 9.27
N ALA A 234 20.09 18.02 9.66
CA ALA A 234 21.23 17.13 9.51
C ALA A 234 21.24 16.03 10.57
N ARG A 235 20.79 16.33 11.79
CA ARG A 235 20.78 15.33 12.85
C ARG A 235 19.86 14.17 12.52
N ASP A 236 18.67 14.46 12.01
CA ASP A 236 17.72 13.39 11.71
C ASP A 236 18.27 12.48 10.61
N SER A 237 19.01 13.04 9.66
CA SER A 237 19.64 12.22 8.63
C SER A 237 20.79 11.41 9.20
N SER A 238 21.60 12.02 10.07
CA SER A 238 22.79 11.35 10.57
C SER A 238 22.45 10.22 11.53
N CYS A 239 21.33 10.33 12.24
CA CYS A 239 20.96 9.30 13.19
C CYS A 239 20.55 8.00 12.51
N LEU A 240 20.35 8.01 11.19
CA LEU A 240 19.91 6.80 10.52
C LEU A 240 21.02 5.77 10.38
N LEU A 241 22.28 6.18 10.43
CA LEU A 241 23.36 5.25 10.14
C LEU A 241 23.57 4.27 11.30
N LYS A 242 23.60 4.78 12.53
CA LYS A 242 23.69 3.89 13.69
C LYS A 242 22.45 3.01 13.78
N LEU A 243 21.29 3.56 13.44
CA LEU A 243 20.06 2.78 13.44
C LEU A 243 20.15 1.63 12.44
N TYR A 244 20.69 1.89 11.25
CA TYR A 244 20.91 0.83 10.29
C TYR A 244 21.87 -0.21 10.83
N LYS A 245 22.97 0.24 11.43
CA LYS A 245 23.96 -0.70 11.95
C LYS A 245 23.33 -1.63 12.97
N LYS A 246 22.54 -1.09 13.89
CA LYS A 246 21.94 -1.91 14.94
C LYS A 246 20.81 -2.78 14.41
N LEU A 247 19.99 -2.25 13.49
CA LEU A 247 18.89 -3.03 12.96
C LEU A 247 19.38 -4.16 12.07
N LYS A 248 20.52 -4.00 11.40
CA LYS A 248 21.03 -5.10 10.60
C LYS A 248 21.42 -6.28 11.47
N GLU A 249 21.87 -6.02 12.70
CA GLU A 249 22.11 -7.10 13.64
C GLU A 249 20.81 -7.64 14.21
N GLU A 250 19.88 -6.76 14.55
CA GLU A 250 18.63 -7.19 15.19
C GLU A 250 17.78 -8.03 14.24
N ILE A 251 17.71 -7.63 12.97
CA ILE A 251 16.98 -8.39 11.96
C ILE A 251 17.58 -9.76 11.75
N LYS A 252 18.89 -9.91 11.96
CA LYS A 252 19.55 -11.18 11.71
C LYS A 252 19.14 -12.23 12.75
N LYS A 253 19.16 -11.84 14.03
CA LYS A 253 18.79 -12.79 15.08
C LYS A 253 17.33 -13.18 15.01
N GLU A 254 16.47 -12.30 14.48
CA GLU A 254 15.07 -12.62 14.28
C GLU A 254 14.82 -13.37 12.99
N ASN A 255 15.79 -13.42 12.08
CA ASN A 255 15.62 -14.07 10.80
C ASN A 255 14.51 -13.40 9.99
N LEU A 256 14.51 -12.07 9.99
CA LEU A 256 13.49 -11.26 9.33
C LEU A 256 14.06 -10.50 8.13
N HIS A 257 15.08 -11.04 7.48
CA HIS A 257 15.77 -10.32 6.41
C HIS A 257 14.99 -10.33 5.10
N ILE A 258 14.31 -11.44 4.80
CA ILE A 258 13.67 -11.59 3.50
C ILE A 258 12.58 -10.55 3.31
N VAL A 259 11.67 -10.43 4.29
CA VAL A 259 10.56 -9.50 4.15
C VAL A 259 11.06 -8.07 4.11
N ASN A 260 12.09 -7.76 4.89
CA ASN A 260 12.65 -6.41 4.86
C ASN A 260 13.19 -6.09 3.47
N ASP A 261 13.92 -7.03 2.88
CA ASP A 261 14.48 -6.78 1.55
C ASP A 261 13.37 -6.60 0.51
N ILE A 262 12.34 -7.44 0.57
CA ILE A 262 11.25 -7.34 -0.40
C ILE A 262 10.54 -6.00 -0.27
N GLU A 263 10.24 -5.59 0.97
CA GLU A 263 9.55 -4.31 1.17
C GLU A 263 10.42 -3.14 0.73
N ASN A 264 11.71 -3.17 1.06
CA ASN A 264 12.60 -2.08 0.69
C ASN A 264 12.70 -1.95 -0.82
N LYS A 265 12.78 -3.06 -1.54
CA LYS A 265 12.84 -2.98 -2.99
C LYS A 265 11.49 -2.69 -3.61
N CYS A 266 10.39 -2.92 -2.90
CA CYS A 266 9.05 -2.63 -3.41
C CYS A 266 8.57 -1.23 -3.05
N ILE A 267 9.34 -0.47 -2.27
CA ILE A 267 8.99 0.93 -2.00
C ILE A 267 8.82 1.70 -3.32
N LEU A 268 9.76 1.52 -4.24
CA LEU A 268 9.77 2.34 -5.47
C LEU A 268 8.55 2.12 -6.37
N PRO A 269 8.18 0.89 -6.74
CA PRO A 269 7.03 0.74 -7.66
C PRO A 269 5.75 1.36 -7.15
N ILE A 270 5.51 1.34 -5.83
CA ILE A 270 4.38 2.04 -5.26
C ILE A 270 4.45 3.52 -5.60
N CYS A 271 5.64 4.11 -5.47
CA CYS A 271 5.80 5.54 -5.75
C CYS A 271 5.55 5.84 -7.22
N ASP A 272 6.07 5.01 -8.12
CA ASP A 272 5.84 5.25 -9.54
C ASP A 272 4.34 5.14 -9.87
N MET A 273 3.70 4.09 -9.36
CA MET A 273 2.28 3.89 -9.60
C MET A 273 1.44 5.04 -9.08
N GLU A 274 1.82 5.60 -7.92
CA GLU A 274 1.07 6.73 -7.39
C GLU A 274 1.40 8.04 -8.11
N LEU A 275 2.61 8.16 -8.65
CA LEU A 275 2.94 9.34 -9.45
C LEU A 275 2.10 9.38 -10.72
N ASN A 276 1.89 8.23 -11.35
CA ASN A 276 1.16 8.24 -12.62
C ASN A 276 -0.33 8.44 -12.40
N GLY A 277 -0.98 7.52 -11.71
CA GLY A 277 -2.42 7.59 -11.54
C GLY A 277 -3.13 7.05 -12.75
N ILE A 278 -4.47 7.16 -12.71
CA ILE A 278 -5.35 6.61 -13.74
C ILE A 278 -6.23 7.72 -14.27
N LYS A 279 -6.40 7.75 -15.59
CA LYS A 279 -7.19 8.79 -16.23
C LYS A 279 -8.67 8.46 -16.23
N VAL A 280 -9.51 9.49 -16.16
CA VAL A 280 -10.95 9.36 -16.25
C VAL A 280 -11.46 10.37 -17.28
N ASP A 281 -12.29 9.89 -18.21
CA ASP A 281 -12.89 10.74 -19.22
C ASP A 281 -14.03 11.51 -18.60
N LEU A 282 -13.92 12.84 -18.58
CA LEU A 282 -14.89 13.64 -17.85
C LEU A 282 -16.28 13.62 -18.49
N GLU A 283 -16.36 13.41 -19.81
CA GLU A 283 -17.66 13.42 -20.47
C GLU A 283 -18.55 12.30 -19.94
N ASN A 284 -18.06 11.06 -19.96
CA ASN A 284 -18.86 9.95 -19.44
C ASN A 284 -19.09 10.10 -17.95
N LEU A 285 -18.12 10.63 -17.22
CA LEU A 285 -18.30 10.85 -15.79
C LEU A 285 -19.49 11.77 -15.53
N GLN A 286 -19.55 12.90 -16.24
CA GLN A 286 -20.63 13.84 -16.02
C GLN A 286 -21.96 13.27 -16.51
N LYS A 287 -21.96 12.54 -17.62
CA LYS A 287 -23.20 11.96 -18.12
C LYS A 287 -23.77 10.95 -17.14
N SER A 288 -22.92 10.03 -16.65
CA SER A 288 -23.39 9.05 -15.68
C SER A 288 -23.79 9.73 -14.37
N THR A 289 -23.08 10.80 -13.99
CA THR A 289 -23.45 11.51 -12.76
C THR A 289 -24.85 12.08 -12.88
N ASN A 290 -25.15 12.77 -13.98
CA ASN A 290 -26.48 13.33 -14.15
C ASN A 290 -27.54 12.25 -14.22
N GLU A 291 -27.27 11.17 -14.97
CA GLU A 291 -28.26 10.11 -15.11
C GLU A 291 -28.55 9.45 -13.75
N ILE A 292 -27.50 9.13 -13.01
CA ILE A 292 -27.72 8.46 -11.73
C ILE A 292 -28.34 9.41 -10.73
N LEU A 293 -28.05 10.71 -10.85
CA LEU A 293 -28.71 11.67 -9.97
C LEU A 293 -30.20 11.71 -10.22
N ASN A 294 -30.61 11.71 -11.49
CA ASN A 294 -32.04 11.67 -11.78
C ASN A 294 -32.67 10.37 -11.27
N GLU A 295 -31.97 9.25 -11.50
CA GLU A 295 -32.46 7.98 -10.99
C GLU A 295 -32.59 8.01 -9.48
N LEU A 296 -31.61 8.58 -8.79
CA LEU A 296 -31.63 8.65 -7.34
C LEU A 296 -32.79 9.49 -6.85
N ASN A 297 -33.04 10.62 -7.50
CA ASN A 297 -34.12 11.48 -7.05
C ASN A 297 -35.47 10.80 -7.22
N ILE A 298 -35.69 10.16 -8.37
CA ILE A 298 -36.98 9.48 -8.54
C ILE A 298 -37.09 8.31 -7.58
N GLU A 299 -35.97 7.62 -7.30
CA GLU A 299 -35.98 6.52 -6.35
C GLU A 299 -36.31 6.99 -4.95
N LYS A 300 -35.70 8.10 -4.52
CA LYS A 300 -36.00 8.63 -3.18
C LYS A 300 -37.45 9.05 -3.08
N ASP A 301 -37.98 9.66 -4.15
CA ASP A 301 -39.40 10.00 -4.15
C ASP A 301 -40.26 8.76 -3.96
N ASN A 302 -39.96 7.69 -4.72
CA ASN A 302 -40.73 6.47 -4.60
C ASN A 302 -40.60 5.87 -3.20
N LEU A 303 -39.39 5.90 -2.64
CA LEU A 303 -39.17 5.32 -1.32
C LEU A 303 -39.99 6.05 -0.27
N LYS A 304 -39.89 7.39 -0.26
CA LYS A 304 -40.62 8.15 0.75
C LYS A 304 -42.12 7.99 0.57
N LYS A 305 -42.59 7.96 -0.68
CA LYS A 305 -44.02 7.74 -0.91
C LYS A 305 -44.44 6.38 -0.38
N LYS A 306 -43.61 5.36 -0.57
CA LYS A 306 -43.93 4.04 -0.03
C LYS A 306 -43.96 4.06 1.48
N LEU A 307 -43.01 4.76 2.10
CA LEU A 307 -43.07 4.95 3.54
C LEU A 307 -44.21 5.88 3.89
N LYS A 308 -44.62 5.85 5.15
CA LYS A 308 -45.83 6.52 5.59
C LYS A 308 -45.59 7.92 6.14
N ASP A 309 -44.35 8.42 6.13
CA ASP A 309 -44.06 9.77 6.56
C ASP A 309 -43.11 10.43 5.58
N GLU A 310 -43.35 11.72 5.32
CA GLU A 310 -42.57 12.47 4.34
C GLU A 310 -41.40 13.23 4.95
N ASN A 311 -41.43 13.49 6.25
CA ASN A 311 -40.35 14.22 6.89
C ASN A 311 -39.12 13.37 7.19
N ILE A 312 -39.19 12.05 6.96
CA ILE A 312 -38.10 11.17 7.34
C ILE A 312 -36.86 11.52 6.53
N ASN A 313 -35.74 11.67 7.22
CA ASN A 313 -34.43 11.70 6.59
C ASN A 313 -34.02 10.26 6.33
N VAL A 314 -34.03 9.86 5.06
CA VAL A 314 -33.97 8.45 4.71
C VAL A 314 -32.66 7.82 5.17
N ASN A 315 -31.55 8.55 5.05
CA ASN A 315 -30.26 7.96 5.31
C ASN A 315 -30.07 7.54 6.77
N SER A 316 -30.92 8.01 7.67
CA SER A 316 -30.76 7.70 9.09
C SER A 316 -31.09 6.24 9.37
N GLN A 317 -30.10 5.48 9.83
CA GLN A 317 -30.33 4.07 10.14
C GLN A 317 -31.29 3.92 11.32
N GLN A 318 -31.24 4.84 12.27
CA GLN A 318 -32.12 4.73 13.43
C GLN A 318 -33.53 5.24 13.09
N GLN A 319 -33.62 6.35 12.36
CA GLN A 319 -34.94 6.82 11.96
C GLN A 319 -35.59 5.82 10.99
N VAL A 320 -34.81 5.26 10.07
CA VAL A 320 -35.40 4.29 9.15
C VAL A 320 -35.75 3.01 9.90
N LEU A 321 -34.97 2.65 10.91
CA LEU A 321 -35.33 1.48 11.71
C LEU A 321 -36.66 1.68 12.41
N LYS A 322 -36.84 2.85 13.02
CA LYS A 322 -38.13 3.14 13.66
C LYS A 322 -39.25 3.16 12.64
N ALA A 323 -38.99 3.70 11.46
CA ALA A 323 -40.02 3.75 10.42
C ALA A 323 -40.43 2.34 10.00
N LEU A 324 -39.45 1.46 9.81
CA LEU A 324 -39.77 0.08 9.46
C LEU A 324 -40.55 -0.59 10.58
N GLN A 325 -40.18 -0.31 11.82
CA GLN A 325 -40.88 -0.91 12.96
C GLN A 325 -42.34 -0.46 12.99
N LYS A 326 -42.58 0.83 12.75
CA LYS A 326 -43.94 1.35 12.79
C LYS A 326 -44.72 1.01 11.52
N ASN A 327 -44.04 0.61 10.46
CA ASN A 327 -44.70 0.08 9.28
C ASN A 327 -45.00 -1.40 9.39
N ASN A 328 -44.63 -2.05 10.50
CA ASN A 328 -44.92 -3.46 10.77
C ASN A 328 -44.18 -4.39 9.83
N VAL A 329 -43.00 -3.98 9.37
CA VAL A 329 -42.17 -4.85 8.54
C VAL A 329 -41.67 -6.00 9.40
N ARG A 330 -41.86 -7.22 8.92
CA ARG A 330 -41.51 -8.39 9.71
C ARG A 330 -41.03 -9.51 8.81
N ASP A 331 -40.33 -10.46 9.40
CA ASP A 331 -39.85 -11.65 8.71
C ASP A 331 -40.94 -12.72 8.69
N ILE A 332 -40.66 -13.81 7.96
CA ILE A 332 -41.50 -14.99 8.06
C ILE A 332 -41.45 -15.58 9.47
N SER A 333 -40.36 -15.36 10.18
CA SER A 333 -40.21 -15.85 11.55
C SER A 333 -40.78 -14.82 12.52
N ASN A 334 -40.59 -15.05 13.82
CA ASN A 334 -41.08 -14.17 14.87
C ASN A 334 -40.12 -13.03 15.19
N LYS A 335 -39.22 -12.69 14.28
CA LYS A 335 -38.21 -11.67 14.52
C LYS A 335 -38.67 -10.30 14.08
N LEU A 336 -38.18 -9.27 14.77
CA LEU A 336 -38.40 -7.88 14.43
C LEU A 336 -37.11 -7.27 13.89
N ILE A 337 -37.27 -6.19 13.14
CA ILE A 337 -36.13 -5.53 12.53
C ILE A 337 -35.26 -4.98 13.64
N GLU A 338 -34.08 -5.55 13.81
CA GLU A 338 -33.10 -5.05 14.76
C GLU A 338 -31.98 -4.27 14.08
N ASN A 339 -31.77 -4.47 12.79
CA ASN A 339 -30.78 -3.73 12.04
C ASN A 339 -31.13 -3.81 10.56
N THR A 340 -30.53 -2.91 9.79
CA THR A 340 -30.70 -2.85 8.35
C THR A 340 -29.46 -3.32 7.59
N SER A 341 -28.59 -4.09 8.24
CA SER A 341 -27.41 -4.61 7.56
C SER A 341 -27.81 -5.49 6.39
N ASP A 342 -27.16 -5.27 5.25
CA ASP A 342 -27.57 -5.94 4.02
C ASP A 342 -27.58 -7.45 4.17
N SER A 343 -26.58 -8.00 4.87
CA SER A 343 -26.52 -9.44 5.05
C SER A 343 -27.76 -9.94 5.78
N ASN A 344 -28.18 -9.21 6.81
CA ASN A 344 -29.41 -9.58 7.51
C ASN A 344 -30.64 -9.03 6.79
N LEU A 345 -30.50 -7.90 6.09
CA LEU A 345 -31.63 -7.27 5.43
C LEU A 345 -32.15 -8.12 4.27
N LYS A 346 -31.27 -8.91 3.66
CA LYS A 346 -31.67 -9.69 2.50
C LYS A 346 -32.71 -10.74 2.84
N ASN A 347 -32.90 -11.07 4.13
CA ASN A 347 -33.91 -12.05 4.51
C ASN A 347 -35.32 -11.48 4.52
N PHE A 348 -35.47 -10.21 4.88
CA PHE A 348 -36.79 -9.59 5.03
C PHE A 348 -37.31 -9.05 3.71
N LEU A 349 -37.30 -9.86 2.67
CA LEU A 349 -37.74 -9.44 1.35
C LEU A 349 -39.24 -9.73 1.23
N ASN A 350 -39.78 -9.67 0.01
CA ASN A 350 -41.19 -9.92 -0.28
C ASN A 350 -42.10 -8.87 0.33
N HIS A 351 -41.56 -7.69 0.64
CA HIS A 351 -42.35 -6.52 0.98
C HIS A 351 -41.96 -5.40 0.03
N GLU A 352 -42.93 -4.58 -0.37
CA GLU A 352 -42.68 -3.58 -1.40
C GLU A 352 -41.64 -2.57 -0.95
N GLU A 353 -41.71 -2.13 0.31
CA GLU A 353 -40.87 -1.03 0.75
C GLU A 353 -39.40 -1.43 0.80
N ILE A 354 -39.09 -2.70 1.08
CA ILE A 354 -37.70 -3.04 1.34
C ILE A 354 -36.92 -3.20 0.04
N ILE A 355 -37.56 -3.63 -1.05
CA ILE A 355 -36.89 -3.62 -2.34
C ILE A 355 -36.50 -2.19 -2.69
N SER A 356 -37.43 -1.26 -2.51
CA SER A 356 -37.13 0.15 -2.80
C SER A 356 -36.03 0.64 -1.88
N LEU A 357 -36.06 0.24 -0.61
CA LEU A 357 -35.02 0.66 0.31
C LEU A 357 -33.67 0.17 -0.15
N ARG A 358 -33.58 -1.08 -0.58
CA ARG A 358 -32.29 -1.62 -0.99
C ARG A 358 -31.79 -0.97 -2.27
N ASN A 359 -32.69 -0.74 -3.23
CA ASN A 359 -32.29 -0.06 -4.46
C ASN A 359 -31.79 1.34 -4.15
N TYR A 360 -32.50 2.06 -3.27
CA TYR A 360 -32.07 3.39 -2.91
C TYR A 360 -30.73 3.36 -2.20
N ARG A 361 -30.52 2.38 -1.32
CA ARG A 361 -29.25 2.30 -0.62
C ARG A 361 -28.12 2.07 -1.59
N ARG A 362 -28.34 1.18 -2.57
CA ARG A 362 -27.31 0.92 -3.58
C ARG A 362 -26.98 2.18 -4.36
N LEU A 363 -28.01 2.87 -4.86
CA LEU A 363 -27.77 4.07 -5.65
C LEU A 363 -27.12 5.16 -4.82
N TYR A 364 -27.56 5.32 -3.58
CA TYR A 364 -26.99 6.35 -2.70
C TYR A 364 -25.53 6.06 -2.42
N LYS A 365 -25.19 4.79 -2.19
CA LYS A 365 -23.80 4.45 -1.98
C LYS A 365 -22.98 4.78 -3.22
N LEU A 366 -23.44 4.31 -4.38
CA LEU A 366 -22.74 4.57 -5.62
C LEU A 366 -22.56 6.06 -5.86
N TYR A 367 -23.52 6.87 -5.43
CA TYR A 367 -23.48 8.31 -5.68
C TYR A 367 -22.54 9.00 -4.70
N SER A 368 -22.84 8.91 -3.40
CA SER A 368 -22.07 9.64 -2.41
C SER A 368 -20.63 9.16 -2.34
N ALA A 369 -20.41 7.85 -2.35
CA ALA A 369 -19.05 7.35 -2.19
C ALA A 369 -18.17 7.74 -3.37
N PHE A 370 -18.68 7.60 -4.59
CA PHE A 370 -17.86 7.74 -5.79
C PHE A 370 -18.25 8.94 -6.64
N TYR A 371 -19.48 9.01 -7.13
CA TYR A 371 -19.77 9.94 -8.22
C TYR A 371 -19.81 11.38 -7.75
N LEU A 372 -20.35 11.65 -6.57
CA LEU A 372 -20.38 13.01 -6.06
C LEU A 372 -19.04 13.44 -5.47
N LYS A 373 -18.07 12.54 -5.38
CA LYS A 373 -16.77 12.84 -4.81
C LYS A 373 -15.62 12.62 -5.77
N LEU A 374 -15.76 11.74 -6.76
CA LEU A 374 -14.68 11.54 -7.72
C LEU A 374 -14.33 12.83 -8.47
N PRO A 375 -15.28 13.63 -8.96
CA PRO A 375 -14.90 14.88 -9.62
C PRO A 375 -14.12 15.82 -8.72
N LEU A 376 -14.37 15.79 -7.41
CA LEU A 376 -13.60 16.62 -6.48
C LEU A 376 -12.16 16.15 -6.33
N HIS A 377 -11.81 14.98 -6.87
CA HIS A 377 -10.47 14.42 -6.75
C HIS A 377 -9.69 14.47 -8.06
N ILE A 378 -10.34 14.70 -9.19
CA ILE A 378 -9.66 14.73 -10.48
C ILE A 378 -8.78 15.98 -10.50
N ASN A 379 -7.47 15.77 -10.46
CA ASN A 379 -6.54 16.89 -10.39
C ASN A 379 -6.67 17.79 -11.60
N THR A 380 -6.49 19.09 -11.37
CA THR A 380 -6.51 20.06 -12.45
C THR A 380 -5.33 19.81 -13.39
N LYS A 381 -5.51 20.22 -14.65
CA LYS A 381 -4.50 20.18 -15.72
C LYS A 381 -3.93 18.78 -15.95
N THR A 382 -4.55 17.74 -15.40
CA THR A 382 -4.10 16.37 -15.60
C THR A 382 -5.25 15.46 -16.01
N ASN A 383 -6.44 15.70 -15.45
CA ASN A 383 -7.63 14.92 -15.73
C ASN A 383 -7.43 13.45 -15.37
N LYS A 384 -6.66 13.21 -14.30
CA LYS A 384 -6.43 11.86 -13.79
C LYS A 384 -6.50 11.87 -12.27
N ILE A 385 -6.85 10.71 -11.71
CA ILE A 385 -6.92 10.54 -10.26
C ILE A 385 -5.57 10.07 -9.76
N HIS A 386 -5.21 10.50 -8.54
CA HIS A 386 -4.01 10.05 -7.86
C HIS A 386 -4.38 9.63 -6.45
N THR A 387 -3.88 8.47 -6.03
CA THR A 387 -4.18 7.90 -4.73
C THR A 387 -2.94 7.93 -3.85
N THR A 388 -3.07 7.43 -2.62
CA THR A 388 -1.99 7.43 -1.63
C THR A 388 -1.93 6.05 -1.00
N PHE A 389 -0.95 5.24 -1.40
CA PHE A 389 -0.84 3.88 -0.92
C PHE A 389 -0.15 3.83 0.43
N ASN A 390 -0.74 3.06 1.35
CA ASN A 390 -0.17 2.83 2.68
C ASN A 390 0.65 1.56 2.63
N GLN A 391 1.95 1.68 2.90
CA GLN A 391 2.86 0.56 2.70
C GLN A 391 2.59 -0.57 3.70
N LEU A 392 2.48 -0.24 4.98
CA LEU A 392 2.39 -1.24 6.03
C LEU A 392 1.29 -0.93 7.06
N LYS A 393 0.42 0.03 6.79
CA LYS A 393 -0.63 0.36 7.74
C LYS A 393 -1.53 -0.83 8.02
N THR A 394 -1.70 -1.70 7.02
CA THR A 394 -2.54 -2.86 7.21
C THR A 394 -1.95 -3.81 8.24
N PHE A 395 -2.83 -4.46 9.01
CA PHE A 395 -2.38 -5.40 10.02
C PHE A 395 -1.61 -6.55 9.38
N SER A 396 -2.14 -7.11 8.30
CA SER A 396 -1.60 -8.31 7.67
C SER A 396 -0.58 -8.02 6.58
N GLY A 397 -0.29 -6.75 6.29
CA GLY A 397 0.70 -6.40 5.30
C GLY A 397 0.18 -6.08 3.92
N ARG A 398 -1.14 -5.95 3.75
CA ARG A 398 -1.69 -5.56 2.47
C ARG A 398 -1.60 -4.05 2.30
N PHE A 399 -1.79 -3.60 1.07
CA PHE A 399 -1.81 -2.17 0.80
C PHE A 399 -3.14 -1.58 1.24
N SER A 400 -3.15 -0.26 1.39
CA SER A 400 -4.37 0.47 1.70
C SER A 400 -4.25 1.87 1.14
N SER A 401 -5.38 2.43 0.69
CA SER A 401 -5.43 3.76 0.07
C SER A 401 -6.19 4.71 0.97
N GLU A 402 -5.52 5.77 1.43
CA GLU A 402 -6.12 6.74 2.32
C GLU A 402 -6.73 7.92 1.58
N LYS A 403 -6.17 8.27 0.44
CA LYS A 403 -6.74 9.25 -0.48
C LYS A 403 -7.89 8.55 -1.21
N PRO A 404 -8.50 9.18 -2.26
CA PRO A 404 -9.54 8.48 -3.01
C PRO A 404 -9.19 7.04 -3.32
N ASN A 405 -9.96 6.13 -2.74
CA ASN A 405 -9.60 4.72 -2.73
C ASN A 405 -9.89 4.11 -4.10
N LEU A 406 -8.86 3.94 -4.91
CA LEU A 406 -9.00 3.20 -6.16
C LEU A 406 -9.20 1.72 -5.94
N GLN A 407 -9.00 1.23 -4.72
CA GLN A 407 -9.29 -0.15 -4.41
C GLN A 407 -10.77 -0.37 -4.09
N GLN A 408 -11.59 0.69 -4.12
CA GLN A 408 -13.00 0.63 -3.77
C GLN A 408 -13.94 0.90 -4.94
N ILE A 409 -13.43 1.22 -6.11
CA ILE A 409 -14.34 1.58 -7.21
C ILE A 409 -15.14 0.34 -7.62
N PRO A 410 -16.42 0.47 -7.95
CA PRO A 410 -17.28 -0.72 -8.06
C PRO A 410 -16.83 -1.68 -9.16
N ARG A 411 -17.39 -2.89 -9.09
CA ARG A 411 -17.10 -3.94 -10.06
C ARG A 411 -17.81 -3.72 -11.39
N GLN A 412 -19.03 -3.18 -11.35
CA GLN A 412 -19.90 -3.17 -12.52
C GLN A 412 -19.24 -2.45 -13.69
N LYS A 413 -19.41 -3.01 -14.89
CA LYS A 413 -18.72 -2.51 -16.06
C LYS A 413 -19.13 -1.07 -16.39
N ASN A 414 -20.43 -0.79 -16.34
CA ASN A 414 -20.94 0.51 -16.75
C ASN A 414 -20.35 1.66 -15.94
N ILE A 415 -19.84 1.34 -14.75
CA ILE A 415 -19.23 2.39 -13.88
C ILE A 415 -17.71 2.35 -14.02
N ARG A 416 -17.14 1.21 -14.43
CA ARG A 416 -15.66 1.10 -14.49
C ARG A 416 -15.11 1.57 -15.84
N GLU A 417 -15.97 1.67 -16.86
CA GLU A 417 -15.49 2.05 -18.22
C GLU A 417 -14.91 3.46 -18.20
N ILE A 418 -15.38 4.33 -17.29
CA ILE A 418 -14.93 5.71 -17.25
C ILE A 418 -13.42 5.83 -17.13
N PHE A 419 -12.75 4.79 -16.67
CA PHE A 419 -11.29 4.78 -16.60
C PHE A 419 -10.72 4.37 -17.96
N ILE A 420 -9.79 5.17 -18.46
CA ILE A 420 -9.23 4.96 -19.79
C ILE A 420 -7.72 5.18 -19.75
N PRO A 421 -6.99 4.62 -20.71
CA PRO A 421 -5.57 4.95 -20.85
C PRO A 421 -5.41 6.32 -21.49
N ASN A 422 -4.17 6.79 -21.51
CA ASN A 422 -3.86 8.03 -22.21
C ASN A 422 -4.01 7.81 -23.71
N ASP A 423 -3.78 8.87 -24.48
CA ASP A 423 -3.96 8.79 -25.92
C ASP A 423 -3.02 7.75 -26.52
N ASN A 424 -3.50 7.05 -27.55
CA ASN A 424 -2.82 5.94 -28.22
C ASN A 424 -2.11 5.02 -27.24
N ASN A 425 -2.79 4.64 -26.16
CA ASN A 425 -2.27 3.70 -25.18
C ASN A 425 -3.34 2.66 -24.87
N ILE A 426 -2.90 1.53 -24.34
CA ILE A 426 -3.78 0.40 -24.09
C ILE A 426 -3.30 -0.33 -22.84
N PHE A 427 -4.25 -0.82 -22.05
CA PHE A 427 -3.94 -1.49 -20.79
C PHE A 427 -3.73 -2.98 -21.01
N ILE A 428 -2.83 -3.55 -20.20
CA ILE A 428 -2.67 -5.00 -20.06
C ILE A 428 -2.96 -5.31 -18.60
N ILE A 429 -4.05 -6.03 -18.35
CA ILE A 429 -4.52 -6.28 -16.99
C ILE A 429 -4.21 -7.73 -16.65
N ALA A 430 -3.36 -7.93 -15.63
CA ALA A 430 -2.97 -9.24 -15.16
C ALA A 430 -3.43 -9.42 -13.72
N ASP A 431 -4.06 -10.55 -13.43
CA ASP A 431 -4.56 -10.86 -12.11
C ASP A 431 -4.15 -12.27 -11.75
N PHE A 432 -3.61 -12.45 -10.53
CA PHE A 432 -3.26 -13.79 -10.08
C PHE A 432 -4.50 -14.66 -10.03
N LYS A 433 -4.41 -15.84 -10.62
CA LYS A 433 -5.53 -16.77 -10.67
C LYS A 433 -5.56 -17.57 -9.37
N GLN A 434 -6.47 -17.21 -8.48
CA GLN A 434 -6.71 -17.97 -7.26
C GLN A 434 -5.48 -17.93 -6.34
N ILE A 435 -5.07 -16.70 -6.00
CA ILE A 435 -3.79 -16.52 -5.32
C ILE A 435 -3.79 -17.20 -3.96
N GLU A 436 -4.87 -17.07 -3.21
CA GLU A 436 -5.04 -17.84 -1.99
C GLU A 436 -5.79 -19.12 -2.32
N LEU A 437 -5.58 -20.12 -1.48
CA LEU A 437 -5.75 -21.54 -1.73
C LEU A 437 -4.57 -22.11 -2.54
N LYS A 438 -3.67 -21.28 -3.05
CA LYS A 438 -2.33 -21.68 -3.46
C LYS A 438 -1.31 -21.40 -2.38
N ILE A 439 -1.46 -20.30 -1.65
CA ILE A 439 -0.63 -20.02 -0.49
C ILE A 439 -0.86 -21.08 0.57
N ALA A 440 -2.13 -21.32 0.92
CA ALA A 440 -2.46 -22.28 1.95
C ALA A 440 -1.96 -23.66 1.59
N ALA A 441 -1.95 -23.98 0.29
CA ALA A 441 -1.49 -25.29 -0.14
C ALA A 441 -0.04 -25.54 0.25
N GLU A 442 0.83 -24.54 0.07
CA GLU A 442 2.20 -24.72 0.51
C GLU A 442 2.34 -24.61 2.02
N ILE A 443 1.66 -23.65 2.65
CA ILE A 443 1.87 -23.43 4.08
C ILE A 443 1.44 -24.66 4.87
N THR A 444 0.43 -25.37 4.40
CA THR A 444 -0.01 -26.61 5.02
C THR A 444 0.52 -27.85 4.30
N ASN A 445 1.13 -27.67 3.13
CA ASN A 445 1.77 -28.73 2.35
C ASN A 445 0.81 -29.89 2.08
N ASP A 446 -0.48 -29.55 1.96
CA ASP A 446 -1.51 -30.53 1.68
C ASP A 446 -1.25 -31.10 0.29
N GLU A 447 -1.49 -32.40 0.14
CA GLU A 447 -1.22 -33.06 -1.13
C GLU A 447 -2.34 -32.84 -2.13
N ILE A 448 -3.60 -32.90 -1.67
CA ILE A 448 -4.72 -32.88 -2.60
C ILE A 448 -4.80 -31.54 -3.31
N MET A 449 -4.63 -30.44 -2.58
CA MET A 449 -4.71 -29.11 -3.20
C MET A 449 -3.62 -28.93 -4.24
N LEU A 450 -2.38 -29.32 -3.91
CA LEU A 450 -1.28 -29.14 -4.83
C LEU A 450 -1.44 -30.02 -6.07
N LYS A 451 -1.89 -31.26 -5.89
CA LYS A 451 -2.13 -32.10 -7.05
C LYS A 451 -3.24 -31.53 -7.93
N ALA A 452 -4.31 -31.04 -7.32
CA ALA A 452 -5.39 -30.43 -8.08
C ALA A 452 -4.87 -29.25 -8.89
N TYR A 453 -4.02 -28.42 -8.29
CA TYR A 453 -3.55 -27.23 -8.97
C TYR A 453 -2.46 -27.54 -9.98
N ASN A 454 -1.81 -28.70 -9.85
CA ASN A 454 -1.03 -29.22 -10.95
C ASN A 454 -1.94 -29.64 -12.11
N ASN A 455 -3.08 -30.24 -11.78
CA ASN A 455 -4.03 -30.65 -12.80
C ASN A 455 -4.76 -29.48 -13.44
N ASN A 456 -4.60 -28.27 -12.90
CA ASN A 456 -5.22 -27.06 -13.45
C ASN A 456 -6.73 -27.16 -13.43
N ILE A 457 -7.28 -27.25 -12.22
CA ILE A 457 -8.72 -27.19 -11.99
C ILE A 457 -9.01 -26.02 -11.06
N ASP A 458 -10.23 -25.51 -11.15
CA ASP A 458 -10.62 -24.28 -10.46
C ASP A 458 -11.35 -24.64 -9.16
N LEU A 459 -10.69 -24.36 -8.03
CA LEU A 459 -11.33 -24.57 -6.74
C LEU A 459 -12.51 -23.63 -6.54
N HIS A 460 -12.39 -22.37 -6.98
CA HIS A 460 -13.49 -21.44 -6.80
C HIS A 460 -14.71 -21.86 -7.61
N THR A 461 -14.50 -22.29 -8.85
CA THR A 461 -15.63 -22.78 -9.64
C THR A 461 -16.22 -24.05 -9.02
N LEU A 462 -15.37 -24.93 -8.51
CA LEU A 462 -15.86 -26.14 -7.86
C LEU A 462 -16.71 -25.79 -6.64
N THR A 463 -16.26 -24.81 -5.85
CA THR A 463 -17.06 -24.36 -4.71
C THR A 463 -18.38 -23.80 -5.18
N ALA A 464 -18.37 -23.00 -6.24
CA ALA A 464 -19.61 -22.44 -6.76
C ALA A 464 -20.55 -23.53 -7.25
N SER A 465 -20.01 -24.64 -7.73
CA SER A 465 -20.86 -25.70 -8.29
C SER A 465 -21.38 -26.64 -7.21
N ILE A 466 -20.56 -26.95 -6.20
CA ILE A 466 -20.94 -27.98 -5.24
C ILE A 466 -22.11 -27.51 -4.38
N ILE A 467 -22.15 -26.22 -4.04
CA ILE A 467 -23.22 -25.68 -3.20
C ILE A 467 -24.35 -25.15 -4.07
N THR A 468 -24.38 -25.56 -5.32
CA THR A 468 -25.39 -25.13 -6.28
C THR A 468 -25.62 -26.30 -7.24
N LYS A 469 -26.21 -26.02 -8.40
CA LYS A 469 -26.25 -27.00 -9.48
C LYS A 469 -24.85 -27.51 -9.79
N LYS A 470 -24.78 -28.75 -10.29
CA LYS A 470 -23.50 -29.42 -10.51
C LYS A 470 -22.86 -29.07 -11.84
N ASN A 471 -23.48 -28.23 -12.67
CA ASN A 471 -22.96 -27.93 -13.99
C ASN A 471 -21.86 -26.88 -13.86
N ILE A 472 -20.61 -27.33 -14.00
CA ILE A 472 -19.48 -26.39 -13.97
C ILE A 472 -19.60 -25.32 -15.05
N PRO A 473 -19.89 -25.64 -16.31
CA PRO A 473 -19.97 -24.56 -17.32
C PRO A 473 -21.06 -23.54 -17.05
N ASP A 474 -22.06 -23.86 -16.22
CA ASP A 474 -23.14 -22.92 -15.96
C ASP A 474 -22.79 -21.87 -14.91
N ILE A 475 -21.64 -21.97 -14.26
CA ILE A 475 -21.28 -21.04 -13.19
C ILE A 475 -20.83 -19.73 -13.82
N ASN A 476 -21.48 -18.63 -13.42
CA ASN A 476 -21.23 -17.31 -13.96
C ASN A 476 -20.36 -16.52 -12.98
N LYS A 477 -20.17 -15.23 -13.27
CA LYS A 477 -19.27 -14.42 -12.46
C LYS A 477 -19.79 -14.23 -11.04
N GLU A 478 -21.09 -13.98 -10.89
CA GLU A 478 -21.65 -13.73 -9.57
C GLU A 478 -21.52 -14.95 -8.68
N ASP A 479 -21.79 -16.13 -9.22
CA ASP A 479 -21.69 -17.35 -8.43
C ASP A 479 -20.26 -17.59 -7.98
N ARG A 480 -19.30 -17.36 -8.87
CA ARG A 480 -17.89 -17.47 -8.50
C ARG A 480 -17.56 -16.47 -7.40
N HIS A 481 -18.12 -15.26 -7.50
CA HIS A 481 -17.83 -14.24 -6.49
C HIS A 481 -18.35 -14.64 -5.12
N ILE A 482 -19.56 -15.22 -5.06
CA ILE A 482 -20.06 -15.69 -3.76
C ILE A 482 -19.22 -16.88 -3.28
N ALA A 483 -18.80 -17.74 -4.19
CA ALA A 483 -17.98 -18.88 -3.81
C ALA A 483 -16.69 -18.41 -3.15
N LYS A 484 -16.17 -17.26 -3.61
CA LYS A 484 -14.94 -16.72 -3.05
C LYS A 484 -15.03 -16.55 -1.54
N ALA A 485 -16.08 -15.87 -1.07
CA ALA A 485 -16.19 -15.55 0.34
C ALA A 485 -16.39 -16.80 1.18
N ILE A 486 -17.30 -17.69 0.76
CA ILE A 486 -17.56 -18.90 1.54
C ILE A 486 -16.32 -19.76 1.65
N ASN A 487 -15.60 -19.93 0.52
CA ASN A 487 -14.43 -20.81 0.54
C ASN A 487 -13.33 -20.23 1.43
N PHE A 488 -13.01 -18.95 1.26
CA PHE A 488 -11.94 -18.39 2.07
C PHE A 488 -12.34 -18.32 3.54
N GLY A 489 -13.61 -18.09 3.82
CA GLY A 489 -14.06 -18.08 5.21
C GLY A 489 -13.89 -19.44 5.87
N LEU A 490 -14.32 -20.50 5.19
CA LEU A 490 -14.19 -21.81 5.80
C LEU A 490 -12.74 -22.24 5.88
N ILE A 491 -11.86 -21.69 5.04
CA ILE A 491 -10.44 -21.94 5.22
C ILE A 491 -9.92 -21.22 6.46
N TYR A 492 -10.43 -20.02 6.73
CA TYR A 492 -9.86 -19.16 7.78
C TYR A 492 -10.56 -19.30 9.14
N GLY A 493 -11.53 -20.19 9.28
CA GLY A 493 -12.04 -20.56 10.60
C GLY A 493 -13.52 -20.37 10.85
N MET A 494 -14.27 -19.97 9.83
CA MET A 494 -15.72 -19.79 9.98
C MET A 494 -16.37 -21.08 10.44
N ASN A 495 -17.22 -20.99 11.46
CA ASN A 495 -17.92 -22.18 11.93
C ASN A 495 -19.25 -22.33 11.21
N TYR A 496 -19.85 -23.50 11.33
CA TYR A 496 -20.90 -23.91 10.41
C TYR A 496 -22.15 -23.05 10.54
N VAL A 497 -22.45 -22.52 11.72
CA VAL A 497 -23.67 -21.75 11.88
C VAL A 497 -23.61 -20.46 11.05
N ASN A 498 -22.50 -19.73 11.14
CA ASN A 498 -22.37 -18.51 10.37
C ASN A 498 -22.27 -18.82 8.87
N LEU A 499 -21.64 -19.94 8.52
CA LEU A 499 -21.57 -20.33 7.11
C LEU A 499 -22.96 -20.60 6.54
N LYS A 500 -23.81 -21.29 7.29
CA LYS A 500 -25.15 -21.52 6.77
C LYS A 500 -25.94 -20.23 6.71
N ASN A 501 -25.71 -19.32 7.65
CA ASN A 501 -26.35 -18.01 7.56
C ASN A 501 -25.98 -17.32 6.25
N TYR A 502 -24.68 -17.31 5.93
CA TYR A 502 -24.22 -16.68 4.70
C TYR A 502 -24.81 -17.34 3.47
N ALA A 503 -24.77 -18.67 3.44
CA ALA A 503 -25.21 -19.41 2.26
C ALA A 503 -26.71 -19.21 2.02
N ASN A 504 -27.51 -19.25 3.09
CA ASN A 504 -28.94 -19.03 2.91
C ASN A 504 -29.24 -17.56 2.61
N THR A 505 -28.38 -16.65 3.05
CA THR A 505 -28.57 -15.24 2.71
C THR A 505 -28.40 -15.03 1.21
N TYR A 506 -27.23 -15.34 0.68
CA TYR A 506 -26.89 -14.90 -0.67
C TYR A 506 -27.44 -15.81 -1.77
N TYR A 507 -27.94 -17.00 -1.42
CA TYR A 507 -28.58 -17.88 -2.39
C TYR A 507 -29.63 -18.69 -1.67
N GLY A 508 -30.80 -18.81 -2.29
CA GLY A 508 -31.92 -19.49 -1.67
C GLY A 508 -31.71 -20.99 -1.61
N LEU A 509 -30.73 -21.42 -0.82
CA LEU A 509 -30.50 -22.84 -0.61
C LEU A 509 -31.44 -23.42 0.44
N ASN A 510 -31.73 -22.66 1.49
CA ASN A 510 -32.59 -23.13 2.56
C ASN A 510 -32.06 -24.42 3.18
N MET A 511 -30.74 -24.56 3.21
CA MET A 511 -30.11 -25.80 3.62
C MET A 511 -30.29 -26.04 5.11
N SER A 512 -30.41 -27.30 5.48
CA SER A 512 -30.48 -27.68 6.88
C SER A 512 -29.12 -27.53 7.54
N LEU A 513 -29.13 -27.49 8.87
CA LEU A 513 -27.88 -27.41 9.62
C LEU A 513 -27.01 -28.64 9.36
N ASP A 514 -27.64 -29.81 9.27
CA ASP A 514 -26.88 -31.03 9.03
C ASP A 514 -26.18 -31.01 7.67
N GLN A 515 -26.82 -30.43 6.65
CA GLN A 515 -26.18 -30.32 5.34
C GLN A 515 -24.91 -29.49 5.43
N CYS A 516 -24.98 -28.35 6.10
CA CYS A 516 -23.81 -27.51 6.24
C CYS A 516 -22.73 -28.19 7.07
N LEU A 517 -23.13 -28.91 8.12
CA LEU A 517 -22.15 -29.63 8.92
C LEU A 517 -21.43 -30.67 8.07
N TYR A 518 -22.19 -31.42 7.26
CA TYR A 518 -21.58 -32.42 6.39
C TYR A 518 -20.64 -31.77 5.39
N PHE A 519 -21.05 -30.65 4.80
CA PHE A 519 -20.19 -29.98 3.83
C PHE A 519 -18.90 -29.52 4.47
N TYR A 520 -18.99 -28.93 5.66
CA TYR A 520 -17.80 -28.43 6.33
C TYR A 520 -16.84 -29.57 6.66
N ASN A 521 -17.37 -30.68 7.20
CA ASN A 521 -16.52 -31.82 7.51
C ASN A 521 -15.94 -32.45 6.25
N SER A 522 -16.73 -32.53 5.18
CA SER A 522 -16.23 -33.11 3.94
C SER A 522 -15.08 -32.29 3.38
N PHE A 523 -15.21 -30.96 3.41
CA PHE A 523 -14.11 -30.13 2.96
C PHE A 523 -12.88 -30.37 3.82
N PHE A 524 -13.04 -30.33 5.14
CA PHE A 524 -11.85 -30.38 5.97
C PHE A 524 -11.22 -31.75 6.06
N GLU A 525 -11.94 -32.81 5.67
CA GLU A 525 -11.34 -34.14 5.63
C GLU A 525 -10.77 -34.48 4.26
N HIS A 526 -11.41 -34.00 3.18
CA HIS A 526 -10.87 -34.24 1.85
C HIS A 526 -9.59 -33.46 1.60
N TYR A 527 -9.32 -32.44 2.41
CA TYR A 527 -8.06 -31.70 2.42
C TYR A 527 -7.52 -31.83 3.83
N LYS A 528 -6.75 -32.90 4.06
CA LYS A 528 -6.35 -33.25 5.43
C LYS A 528 -5.35 -32.27 6.01
N GLY A 529 -4.46 -31.72 5.18
CA GLY A 529 -3.43 -30.85 5.69
C GLY A 529 -3.99 -29.61 6.35
N ILE A 530 -5.05 -29.04 5.78
CA ILE A 530 -5.65 -27.85 6.36
C ILE A 530 -6.27 -28.16 7.71
N TYR A 531 -6.93 -29.31 7.84
CA TYR A 531 -7.48 -29.68 9.13
C TYR A 531 -6.38 -29.89 10.15
N LYS A 532 -5.26 -30.49 9.74
CA LYS A 532 -4.13 -30.64 10.63
C LYS A 532 -3.61 -29.28 11.08
N TRP A 533 -3.58 -28.32 10.17
CA TRP A 533 -3.14 -26.96 10.49
C TRP A 533 -4.07 -26.32 11.52
N HIS A 534 -5.38 -26.46 11.32
CA HIS A 534 -6.34 -25.89 12.26
C HIS A 534 -6.20 -26.52 13.64
N ASN A 535 -6.09 -27.85 13.67
CA ASN A 535 -5.98 -28.53 14.96
C ASN A 535 -4.70 -28.12 15.68
N GLN A 536 -3.58 -28.05 14.95
CA GLN A 536 -2.31 -27.81 15.62
C GLN A 536 -2.19 -26.36 16.06
N VAL A 537 -2.79 -25.41 15.34
CA VAL A 537 -2.74 -24.03 15.82
C VAL A 537 -3.76 -23.78 16.92
N LYS A 538 -4.87 -24.53 16.96
CA LYS A 538 -5.81 -24.36 18.05
C LYS A 538 -5.32 -25.00 19.35
N GLN A 539 -4.72 -26.18 19.26
CA GLN A 539 -4.33 -26.91 20.47
C GLN A 539 -3.30 -26.13 21.27
N LYS A 540 -2.34 -25.51 20.59
CA LYS A 540 -1.32 -24.70 21.25
C LYS A 540 -1.69 -23.25 21.07
N ARG A 541 -1.82 -22.52 22.18
CA ARG A 541 -2.23 -21.11 22.16
C ARG A 541 -0.99 -20.22 21.95
N ALA A 542 -0.32 -20.44 20.83
CA ALA A 542 0.87 -19.67 20.51
C ALA A 542 0.49 -18.24 20.17
N LEU A 543 1.28 -17.30 20.68
CA LEU A 543 1.06 -15.88 20.43
C LEU A 543 2.00 -15.29 19.38
N GLN A 544 2.88 -16.09 18.79
CA GLN A 544 3.78 -15.64 17.75
C GLN A 544 3.50 -16.41 16.46
N TYR A 545 3.33 -15.69 15.36
CA TYR A 545 3.02 -16.28 14.06
C TYR A 545 3.90 -15.64 12.99
N SER A 546 4.22 -16.43 11.97
CA SER A 546 5.17 -16.04 10.94
C SER A 546 4.58 -16.32 9.57
N THR A 547 4.97 -15.50 8.60
CA THR A 547 4.64 -15.72 7.20
C THR A 547 5.82 -16.36 6.47
N LEU A 548 5.58 -16.73 5.21
CA LEU A 548 6.65 -17.37 4.45
C LEU A 548 7.83 -16.43 4.22
N SER A 549 7.62 -15.12 4.34
CA SER A 549 8.71 -14.17 4.38
C SER A 549 9.18 -13.90 5.81
N ASN A 550 8.82 -14.77 6.76
CA ASN A 550 9.19 -14.65 8.17
C ASN A 550 8.62 -13.39 8.83
N ARG A 551 7.63 -12.74 8.20
CA ARG A 551 6.99 -11.59 8.81
C ARG A 551 6.27 -12.00 10.08
N LYS A 552 6.69 -11.45 11.21
CA LYS A 552 6.23 -11.89 12.52
C LYS A 552 5.09 -11.01 13.02
N VAL A 553 4.38 -11.54 14.03
CA VAL A 553 3.35 -10.78 14.73
C VAL A 553 3.25 -11.34 16.13
N ILE A 554 2.83 -10.50 17.07
CA ILE A 554 2.52 -10.92 18.44
C ILE A 554 1.13 -10.40 18.78
N PHE A 555 0.21 -11.32 19.07
CA PHE A 555 -1.15 -10.91 19.41
C PHE A 555 -1.26 -10.64 20.91
N PRO A 556 -1.90 -9.55 21.36
CA PRO A 556 -2.15 -9.42 22.80
C PRO A 556 -2.96 -10.57 23.37
N TYR A 557 -3.93 -11.08 22.63
CA TYR A 557 -4.73 -12.21 23.06
C TYR A 557 -5.03 -13.12 21.88
N PHE A 558 -5.11 -14.41 22.15
CA PHE A 558 -5.30 -15.39 21.09
C PHE A 558 -6.65 -15.19 20.44
N SER A 559 -6.67 -15.29 19.11
CA SER A 559 -7.90 -15.30 18.34
C SER A 559 -7.68 -16.21 17.13
N PHE A 560 -8.42 -17.31 17.08
CA PHE A 560 -8.17 -18.35 16.10
C PHE A 560 -8.28 -17.82 14.67
N THR A 561 -9.23 -16.92 14.42
CA THR A 561 -9.44 -16.43 13.06
C THR A 561 -8.25 -15.62 12.58
N LYS A 562 -7.79 -14.66 13.37
CA LYS A 562 -6.65 -13.84 12.97
C LYS A 562 -5.39 -14.69 12.86
N ALA A 563 -5.21 -15.63 13.78
CA ALA A 563 -4.05 -16.51 13.76
C ALA A 563 -4.01 -17.32 12.46
N LEU A 564 -5.15 -17.89 12.07
CA LEU A 564 -5.21 -18.60 10.81
C LEU A 564 -4.95 -17.67 9.63
N ASN A 565 -5.51 -16.47 9.67
CA ASN A 565 -5.48 -15.58 8.52
C ASN A 565 -4.07 -15.11 8.21
N TYR A 566 -3.33 -14.71 9.24
CA TYR A 566 -2.14 -13.90 9.02
C TYR A 566 -1.10 -14.56 8.12
N PRO A 567 -0.72 -15.83 8.30
CA PRO A 567 0.30 -16.40 7.41
C PRO A 567 -0.09 -16.38 5.95
N VAL A 568 -1.31 -16.79 5.62
CA VAL A 568 -1.71 -16.90 4.23
C VAL A 568 -1.78 -15.53 3.57
N GLN A 569 -2.46 -14.58 4.22
CA GLN A 569 -2.59 -13.24 3.64
C GLN A 569 -1.24 -12.54 3.57
N GLY A 570 -0.39 -12.75 4.57
CA GLY A 570 0.94 -12.18 4.51
C GLY A 570 1.74 -12.71 3.33
N THR A 571 1.64 -14.01 3.08
CA THR A 571 2.34 -14.57 1.93
C THR A 571 1.77 -14.04 0.62
N CYS A 572 0.45 -13.87 0.54
CA CYS A 572 -0.12 -13.29 -0.67
C CYS A 572 0.40 -11.88 -0.90
N ALA A 573 0.46 -11.09 0.17
CA ALA A 573 1.03 -9.75 0.06
C ALA A 573 2.49 -9.80 -0.38
N ASP A 574 3.26 -10.72 0.19
CA ASP A 574 4.67 -10.83 -0.19
C ASP A 574 4.83 -11.20 -1.65
N ILE A 575 4.00 -12.12 -2.14
CA ILE A 575 4.07 -12.51 -3.55
C ILE A 575 3.76 -11.31 -4.43
N LEU A 576 2.72 -10.55 -4.07
CA LEU A 576 2.39 -9.37 -4.87
C LEU A 576 3.52 -8.35 -4.85
N LYS A 577 4.16 -8.15 -3.70
CA LYS A 577 5.24 -7.17 -3.61
C LYS A 577 6.44 -7.59 -4.45
N LEU A 578 6.80 -8.88 -4.38
CA LEU A 578 7.91 -9.37 -5.21
C LEU A 578 7.56 -9.26 -6.69
N ALA A 579 6.30 -9.52 -7.04
CA ALA A 579 5.87 -9.35 -8.42
C ALA A 579 6.01 -7.90 -8.86
N LEU A 580 5.64 -6.97 -7.99
CA LEU A 580 5.83 -5.56 -8.32
C LEU A 580 7.31 -5.26 -8.55
N VAL A 581 8.18 -5.81 -7.71
CA VAL A 581 9.61 -5.53 -7.86
C VAL A 581 10.13 -6.06 -9.18
N ASP A 582 9.84 -7.32 -9.49
CA ASP A 582 10.33 -7.92 -10.72
C ASP A 582 9.75 -7.24 -11.95
N LEU A 583 8.45 -6.97 -11.94
CA LEU A 583 7.82 -6.30 -13.08
C LEU A 583 8.37 -4.90 -13.27
N TYR A 584 8.61 -4.18 -12.17
CA TYR A 584 9.20 -2.85 -12.28
C TYR A 584 10.57 -2.94 -12.91
N ASP A 585 11.36 -3.93 -12.52
CA ASP A 585 12.68 -4.09 -13.13
C ASP A 585 12.57 -4.39 -14.62
N ASN A 586 11.65 -5.26 -15.00
CA ASN A 586 11.62 -5.76 -16.38
C ASN A 586 10.91 -4.82 -17.35
N LEU A 587 10.06 -3.91 -16.86
CA LEU A 587 9.23 -3.11 -17.76
C LEU A 587 9.94 -1.91 -18.37
N LYS A 588 11.17 -1.60 -17.94
CA LYS A 588 11.85 -0.43 -18.49
C LYS A 588 12.09 -0.55 -19.98
N ASP A 589 12.11 -1.77 -20.51
CA ASP A 589 12.47 -1.97 -21.91
C ASP A 589 11.49 -1.29 -22.84
N ILE A 590 10.19 -1.42 -22.56
CA ILE A 590 9.14 -0.98 -23.47
C ILE A 590 8.58 0.38 -23.09
N ASN A 591 9.26 1.10 -22.20
CA ASN A 591 8.82 2.42 -21.73
C ASN A 591 7.47 2.36 -21.03
N GLY A 592 7.04 1.19 -20.61
CA GLY A 592 5.75 1.05 -19.97
C GLY A 592 5.75 1.59 -18.56
N LYS A 593 4.56 1.72 -18.00
CA LYS A 593 4.41 2.23 -16.65
C LYS A 593 3.19 1.58 -15.99
N ILE A 594 3.30 1.36 -14.68
CA ILE A 594 2.25 0.74 -13.89
C ILE A 594 1.38 1.84 -13.29
N ILE A 595 0.07 1.59 -13.20
CA ILE A 595 -0.89 2.60 -12.79
C ILE A 595 -1.66 2.19 -11.55
N LEU A 596 -1.86 0.89 -11.34
CA LEU A 596 -2.64 0.46 -10.19
C LEU A 596 -2.29 -0.98 -9.86
N CYS A 597 -2.50 -1.34 -8.59
CA CYS A 597 -2.19 -2.68 -8.10
C CYS A 597 -3.27 -3.29 -7.22
N VAL A 598 -4.29 -2.52 -6.82
CA VAL A 598 -5.33 -2.88 -5.86
C VAL A 598 -4.81 -3.87 -4.80
N HIS A 599 -5.11 -5.17 -4.94
CA HIS A 599 -4.71 -6.16 -3.94
C HIS A 599 -4.03 -7.40 -4.51
N ASP A 600 -4.46 -7.89 -5.68
CA ASP A 600 -3.80 -9.06 -6.25
C ASP A 600 -3.63 -8.99 -7.77
N GLU A 601 -3.84 -7.84 -8.41
CA GLU A 601 -3.73 -7.72 -9.85
C GLU A 601 -2.94 -6.46 -10.17
N ILE A 602 -2.45 -6.38 -11.41
CA ILE A 602 -1.63 -5.28 -11.86
C ILE A 602 -2.17 -4.78 -13.20
N ILE A 603 -2.17 -3.46 -13.38
CA ILE A 603 -2.55 -2.82 -14.62
C ILE A 603 -1.34 -2.04 -15.13
N ILE A 604 -1.01 -2.22 -16.39
CA ILE A 604 0.12 -1.53 -17.02
C ILE A 604 -0.37 -0.82 -18.27
N GLU A 605 0.05 0.43 -18.43
CA GLU A 605 -0.20 1.20 -19.64
C GLU A 605 1.06 1.15 -20.50
N VAL A 606 0.95 0.55 -21.68
CA VAL A 606 2.06 0.37 -22.60
C VAL A 606 1.61 0.82 -23.98
N ASN A 607 2.56 1.36 -24.75
CA ASN A 607 2.24 1.89 -26.07
C ASN A 607 1.65 0.79 -26.94
N LYS A 608 0.89 1.21 -27.95
CA LYS A 608 0.11 0.29 -28.76
C LYS A 608 0.96 -0.62 -29.63
N LYS A 609 2.27 -0.34 -29.75
CA LYS A 609 3.15 -1.15 -30.59
C LYS A 609 3.80 -2.29 -29.83
N PHE A 610 3.97 -2.16 -28.51
CA PHE A 610 4.68 -3.14 -27.69
C PHE A 610 3.71 -3.98 -26.86
N GLN A 611 2.52 -4.24 -27.39
CA GLN A 611 1.52 -4.96 -26.62
C GLN A 611 1.95 -6.38 -26.32
N GLU A 612 2.48 -7.07 -27.33
CA GLU A 612 2.88 -8.47 -27.14
C GLU A 612 4.02 -8.58 -26.14
N GLU A 613 5.01 -7.69 -26.27
CA GLU A 613 6.12 -7.70 -25.33
C GLU A 613 5.65 -7.40 -23.93
N ALA A 614 4.73 -6.45 -23.77
CA ALA A 614 4.20 -6.14 -22.45
C ALA A 614 3.47 -7.33 -21.84
N LEU A 615 2.63 -8.00 -22.64
CA LEU A 615 1.88 -9.14 -22.14
C LEU A 615 2.82 -10.26 -21.69
N LYS A 616 3.80 -10.60 -22.54
CA LYS A 616 4.75 -11.65 -22.20
C LYS A 616 5.55 -11.28 -20.96
N ILE A 617 5.99 -10.04 -20.87
CA ILE A 617 6.78 -9.60 -19.72
C ILE A 617 5.95 -9.70 -18.45
N LEU A 618 4.70 -9.27 -18.51
CA LEU A 618 3.86 -9.29 -17.32
C LEU A 618 3.62 -10.71 -16.85
N VAL A 619 3.32 -11.63 -17.78
CA VAL A 619 3.08 -13.01 -17.38
C VAL A 619 4.34 -13.62 -16.78
N GLN A 620 5.50 -13.41 -17.42
CA GLN A 620 6.74 -13.95 -16.87
C GLN A 620 7.04 -13.38 -15.49
N SER A 621 6.82 -12.07 -15.31
CA SER A 621 7.10 -11.45 -14.02
C SER A 621 6.24 -12.03 -12.92
N MET A 622 4.93 -12.12 -13.15
CA MET A 622 4.05 -12.69 -12.14
C MET A 622 4.42 -14.14 -11.85
N GLU A 623 4.69 -14.92 -12.91
CA GLU A 623 5.05 -16.33 -12.73
C GLU A 623 6.28 -16.47 -11.85
N ASN A 624 7.36 -15.77 -12.20
CA ASN A 624 8.62 -15.93 -11.49
C ASN A 624 8.64 -15.25 -10.14
N SER A 625 7.72 -14.34 -9.87
CA SER A 625 7.51 -13.86 -8.52
C SER A 625 6.79 -14.89 -7.66
N ALA A 626 5.76 -15.53 -8.21
CA ALA A 626 4.98 -16.48 -7.43
C ALA A 626 5.75 -17.76 -7.15
N SER A 627 6.59 -18.21 -8.10
CA SER A 627 7.29 -19.47 -7.93
C SER A 627 8.40 -19.41 -6.90
N TYR A 628 8.72 -18.24 -6.35
CA TYR A 628 9.80 -18.15 -5.37
C TYR A 628 9.36 -18.64 -4.00
N PHE A 629 8.39 -17.96 -3.39
CA PHE A 629 7.90 -18.41 -2.09
C PHE A 629 7.21 -19.76 -2.21
N LEU A 630 6.41 -19.95 -3.26
CA LEU A 630 5.79 -21.23 -3.53
C LEU A 630 6.68 -22.05 -4.45
N LYS A 631 7.22 -23.14 -3.92
CA LYS A 631 8.15 -23.99 -4.65
C LYS A 631 7.50 -25.25 -5.22
N LYS A 632 6.20 -25.44 -5.03
CA LYS A 632 5.52 -26.66 -5.47
C LYS A 632 4.27 -26.42 -6.30
N VAL A 633 3.58 -25.29 -6.12
CA VAL A 633 2.39 -24.97 -6.90
C VAL A 633 2.77 -23.97 -7.97
N LYS A 634 2.30 -24.22 -9.19
CA LYS A 634 2.60 -23.38 -10.34
C LYS A 634 1.48 -22.34 -10.46
N CYS A 635 1.79 -21.11 -10.12
CA CYS A 635 0.80 -20.04 -10.25
C CYS A 635 0.57 -19.71 -11.72
N GLU A 636 -0.61 -19.15 -12.00
CA GLU A 636 -1.00 -18.73 -13.34
C GLU A 636 -1.66 -17.36 -13.24
N VAL A 637 -1.89 -16.76 -14.41
CA VAL A 637 -2.39 -15.40 -14.50
C VAL A 637 -3.42 -15.30 -15.62
N SER A 638 -4.45 -14.49 -15.40
CA SER A 638 -5.42 -14.14 -16.43
C SER A 638 -5.02 -12.78 -16.99
N VAL A 639 -4.55 -12.77 -18.23
CA VAL A 639 -4.08 -11.56 -18.90
C VAL A 639 -5.06 -11.21 -20.01
N LYS A 640 -5.50 -9.95 -20.05
CA LYS A 640 -6.45 -9.49 -21.04
C LYS A 640 -6.05 -8.09 -21.47
N ILE A 641 -5.78 -7.92 -22.77
CA ILE A 641 -5.47 -6.61 -23.31
C ILE A 641 -6.76 -5.82 -23.40
N ALA A 642 -6.84 -4.71 -22.67
CA ALA A 642 -8.09 -3.97 -22.47
C ALA A 642 -7.94 -2.53 -22.93
N GLU A 643 -8.92 -2.06 -23.69
CA GLU A 643 -8.97 -0.65 -24.07
C GLU A 643 -9.43 0.23 -22.93
N ASN A 644 -10.30 -0.27 -22.06
CA ASN A 644 -10.72 0.41 -20.84
C ASN A 644 -10.54 -0.54 -19.66
N TRP A 645 -10.12 0.02 -18.53
CA TRP A 645 -9.90 -0.80 -17.34
C TRP A 645 -11.16 -1.56 -16.96
N GLY A 646 -12.33 -0.97 -17.19
CA GLY A 646 -13.56 -1.70 -16.97
C GLY A 646 -13.71 -2.89 -17.91
N SER A 647 -13.32 -2.71 -19.16
CA SER A 647 -13.50 -3.74 -20.18
C SER A 647 -12.42 -4.80 -20.02
N LYS A 648 -12.69 -5.78 -19.16
CA LYS A 648 -11.76 -6.88 -18.95
C LYS A 648 -11.65 -7.73 -20.19
PG DGT D . -9.78 -14.82 -9.92
O1G DGT D . -8.85 -13.63 -10.03
O2G DGT D . -9.03 -16.08 -10.29
O3G DGT D . -10.95 -14.65 -10.84
O3B DGT D . -10.32 -14.95 -8.38
PB DGT D . -9.37 -14.69 -7.07
O1B DGT D . -9.15 -15.97 -6.34
O2B DGT D . -8.06 -14.10 -7.51
O3A DGT D . -10.12 -13.65 -6.04
PA DGT D . -9.90 -12.04 -6.06
O1A DGT D . -11.22 -11.34 -6.23
O2A DGT D . -8.97 -11.66 -7.20
O5' DGT D . -9.21 -11.59 -4.63
C5' DGT D . -7.85 -11.87 -4.47
C4' DGT D . -7.60 -12.41 -3.09
O4' DGT D . -8.27 -11.46 -2.01
C3' DGT D . -8.21 -13.56 -2.91
O3' DGT D . -7.45 -14.65 -3.46
C2' DGT D . -8.28 -13.66 -1.29
C1' DGT D . -8.59 -12.42 -0.84
N9 DGT D . -9.97 -12.43 -0.42
C8 DGT D . -10.73 -12.03 -1.47
N7 DGT D . -12.02 -12.05 -1.06
C5 DGT D . -12.05 -12.47 0.19
C6 DGT D . -13.21 -12.70 1.18
O6 DGT D . -14.31 -12.49 0.84
N1 DGT D . -12.93 -13.17 2.50
C2 DGT D . -11.56 -13.40 2.90
N2 DGT D . -11.25 -13.87 4.24
N3 DGT D . -10.48 -13.18 1.96
C4 DGT D . -10.78 -12.70 0.59
CA CA E . -7.41 -12.41 -8.72
#